data_6HDZ
#
_entry.id   6HDZ
#
_cell.length_a   151.559
_cell.length_b   122.275
_cell.length_c   65.473
_cell.angle_alpha   90.000
_cell.angle_beta   114.560
_cell.angle_gamma   90.000
#
_symmetry.space_group_name_H-M   'C 1 2 1'
#
loop_
_entity.id
_entity.type
_entity.pdbx_description
1 polymer 'Serine--tRNA ligase'
2 non-polymer 1,2-ETHANEDIOL
3 non-polymer "5'-O-(N-(L-seryl)-Sulfamoyl)uridine"
4 non-polymer 'SODIUM ION'
5 water water
#
_entity_poly.entity_id   1
_entity_poly.type   'polypeptide(L)'
_entity_poly.pdbx_seq_one_letter_code
;MLDPKLVRTQPQEVAARLATRGFQLDVARIEALEEQRKSVQTRTEQLQAERNARSKAIGQAKQRGEDIAPLLADVDRMGS
ELEEGKRQLDAIQGELDAMLLGIPNLPHESVPVGADEDANVEVRRWGTPKTFDFEVKDHVALGERHGWLDFETAAKLSGA
RFALMRGPIARLHRALAQFMINLHTAEHGYEEAYTPYLVQAPALQGTGQLPKFEEDLFKIGRDGEADLYLIPTAEVSLTN
IVSGQILDAKQLPLKFVAHTPCFRSEAGASGRDTRGMIRQHQFDKVEMVQIVDPATSYEALEGLTANAERVLQLLELPYR
VLALCTGDMGFGSTKTYDLEVWVPSQDKYREISSCSNCGDFQARRMQARYRNPETGKPELVHTLNGSGLAVGRTLVAVLE
NYQQADGSIRVPEVLKPYMAGIEVIG
;
_entity_poly.pdbx_strand_id   A,B
#
loop_
_chem_comp.id
_chem_comp.type
_chem_comp.name
_chem_comp.formula
EDO non-polymer 1,2-ETHANEDIOL 'C2 H6 O2'
FZK non-polymer 5'-O-(N-(L-seryl)-Sulfamoyl)uridine 'C12 H18 N4 O10 S'
NA non-polymer 'SODIUM ION' 'Na 1'
#
# COMPACT_ATOMS: atom_id res chain seq x y z
N MET A 1 9.81 -19.64 12.40
CA MET A 1 10.55 -20.88 12.53
C MET A 1 11.07 -21.06 13.95
N LEU A 2 10.94 -22.28 14.48
CA LEU A 2 11.51 -22.59 15.79
C LEU A 2 12.97 -23.03 15.58
N ASP A 3 13.74 -23.15 16.66
CA ASP A 3 15.14 -23.61 16.56
C ASP A 3 15.09 -25.04 15.98
N PRO A 4 15.63 -25.26 14.75
CA PRO A 4 15.53 -26.60 14.15
C PRO A 4 16.22 -27.70 14.94
N LYS A 5 17.28 -27.35 15.70
CA LYS A 5 18.03 -28.29 16.53
C LYS A 5 17.12 -28.77 17.65
N LEU A 6 16.34 -27.85 18.25
CA LEU A 6 15.38 -28.11 19.32
C LEU A 6 14.24 -29.04 18.85
N VAL A 7 13.68 -28.76 17.65
CA VAL A 7 12.61 -29.57 17.07
C VAL A 7 13.11 -31.01 16.81
N ARG A 8 14.33 -31.15 16.26
CA ARG A 8 14.93 -32.46 15.90
C ARG A 8 15.35 -33.30 17.11
N THR A 9 15.97 -32.69 18.13
CA THR A 9 16.46 -33.42 19.31
C THR A 9 15.44 -33.62 20.41
N GLN A 10 14.56 -32.62 20.64
CA GLN A 10 13.54 -32.67 21.70
C GLN A 10 12.12 -32.55 21.10
N PRO A 11 11.68 -33.43 20.15
CA PRO A 11 10.33 -33.27 19.57
C PRO A 11 9.21 -33.35 20.60
N GLN A 12 9.37 -34.21 21.63
CA GLN A 12 8.40 -34.43 22.70
C GLN A 12 8.19 -33.20 23.58
N GLU A 13 9.27 -32.49 23.97
CA GLU A 13 9.16 -31.28 24.81
C GLU A 13 8.60 -30.10 23.99
N VAL A 14 8.99 -30.02 22.70
CA VAL A 14 8.47 -29.00 21.76
C VAL A 14 6.97 -29.28 21.55
N ALA A 15 6.57 -30.55 21.36
CA ALA A 15 5.18 -30.95 21.18
C ALA A 15 4.33 -30.62 22.41
N ALA A 16 4.89 -30.79 23.64
CA ALA A 16 4.19 -30.49 24.89
C ALA A 16 3.84 -29.01 24.97
N ARG A 17 4.80 -28.12 24.63
CA ARG A 17 4.58 -26.66 24.63
C ARG A 17 3.60 -26.23 23.52
N LEU A 18 3.70 -26.84 22.31
CA LEU A 18 2.78 -26.50 21.23
C LEU A 18 1.35 -26.98 21.53
N ALA A 19 1.21 -28.09 22.30
CA ALA A 19 -0.08 -28.66 22.72
C ALA A 19 -0.88 -27.66 23.55
N THR A 20 -0.19 -26.74 24.28
CA THR A 20 -0.86 -25.67 25.04
C THR A 20 -1.56 -24.68 24.10
N ARG A 21 -1.12 -24.59 22.82
CA ARG A 21 -1.77 -23.76 21.80
C ARG A 21 -2.85 -24.55 21.05
N GLY A 22 -3.04 -25.82 21.41
CA GLY A 22 -3.95 -26.72 20.71
C GLY A 22 -3.33 -27.29 19.44
N PHE A 23 -2.03 -27.04 19.19
CA PHE A 23 -1.33 -27.52 17.99
C PHE A 23 -0.69 -28.87 18.24
N GLN A 24 -0.95 -29.84 17.33
CA GLN A 24 -0.43 -31.20 17.44
C GLN A 24 0.81 -31.39 16.55
N LEU A 25 2.00 -31.25 17.13
CA LEU A 25 3.25 -31.45 16.37
C LEU A 25 3.31 -32.91 15.86
N ASP A 26 3.63 -33.11 14.56
CA ASP A 26 3.72 -34.46 14.01
C ASP A 26 5.09 -35.09 14.38
N VAL A 27 5.21 -35.49 15.67
CA VAL A 27 6.40 -36.11 16.28
C VAL A 27 6.74 -37.40 15.52
N ALA A 28 5.72 -38.19 15.13
CA ALA A 28 5.94 -39.46 14.39
C ALA A 28 6.66 -39.23 13.04
N ARG A 29 6.25 -38.18 12.28
CA ARG A 29 6.88 -37.88 11.01
CA ARG A 29 6.86 -37.83 11.01
C ARG A 29 8.28 -37.30 11.22
N ILE A 30 8.47 -36.42 12.24
CA ILE A 30 9.79 -35.86 12.57
C ILE A 30 10.77 -36.99 12.90
N GLU A 31 10.35 -37.91 13.78
CA GLU A 31 11.18 -39.06 14.18
C GLU A 31 11.44 -39.99 13.02
N ALA A 32 10.46 -40.21 12.12
CA ALA A 32 10.64 -41.07 10.94
C ALA A 32 11.65 -40.44 9.97
N LEU A 33 11.60 -39.11 9.78
CA LEU A 33 12.53 -38.38 8.90
C LEU A 33 13.95 -38.40 9.45
N GLU A 34 14.08 -38.31 10.79
CA GLU A 34 15.34 -38.38 11.51
C GLU A 34 15.96 -39.76 11.41
N GLU A 35 15.13 -40.81 11.52
CA GLU A 35 15.52 -42.21 11.40
C GLU A 35 16.00 -42.48 9.95
N GLN A 36 15.30 -41.91 8.93
CA GLN A 36 15.66 -42.02 7.50
C GLN A 36 17.00 -41.35 7.23
N ARG A 37 17.18 -40.11 7.74
CA ARG A 37 18.43 -39.35 7.62
C ARG A 37 19.62 -40.12 8.22
N LYS A 38 19.45 -40.67 9.44
CA LYS A 38 20.47 -41.43 10.16
C LYS A 38 20.87 -42.70 9.37
N SER A 39 19.87 -43.41 8.84
CA SER A 39 20.03 -44.63 8.04
C SER A 39 20.85 -44.33 6.76
N VAL A 40 20.49 -43.26 6.03
CA VAL A 40 21.16 -42.82 4.81
C VAL A 40 22.58 -42.31 5.14
N GLN A 41 22.72 -41.52 6.23
CA GLN A 41 24.00 -40.98 6.68
C GLN A 41 25.01 -42.10 7.02
N THR A 42 24.58 -43.14 7.77
CA THR A 42 25.41 -44.30 8.14
C THR A 42 25.84 -45.04 6.85
N ARG A 43 24.91 -45.20 5.88
CA ARG A 43 25.23 -45.84 4.61
C ARG A 43 26.28 -45.02 3.83
N THR A 44 26.13 -43.68 3.76
CA THR A 44 27.07 -42.81 3.05
C THR A 44 28.48 -42.79 3.67
N GLU A 45 28.58 -42.92 5.01
CA GLU A 45 29.86 -42.96 5.73
C GLU A 45 30.56 -44.30 5.46
N GLN A 46 29.79 -45.40 5.50
CA GLN A 46 30.27 -46.76 5.20
C GLN A 46 30.73 -46.80 3.71
N LEU A 47 29.94 -46.19 2.79
CA LEU A 47 30.26 -46.10 1.36
C LEU A 47 31.52 -45.29 1.11
N GLN A 48 31.63 -44.12 1.77
CA GLN A 48 32.77 -43.20 1.61
C GLN A 48 34.07 -43.88 2.01
N ALA A 49 34.06 -44.59 3.14
CA ALA A 49 35.18 -45.37 3.65
C ALA A 49 35.55 -46.49 2.65
N GLU A 50 34.52 -47.21 2.12
CA GLU A 50 34.69 -48.30 1.15
C GLU A 50 35.29 -47.81 -0.16
N ARG A 51 34.71 -46.75 -0.76
CA ARG A 51 35.15 -46.14 -2.03
C ARG A 51 36.60 -45.61 -1.94
N ASN A 52 36.93 -44.84 -0.87
CA ASN A 52 38.27 -44.27 -0.65
C ASN A 52 39.32 -45.38 -0.57
N ALA A 53 39.00 -46.50 0.14
CA ALA A 53 39.85 -47.69 0.29
C ALA A 53 40.08 -48.37 -1.05
N ARG A 54 39.00 -48.58 -1.86
CA ARG A 54 39.09 -49.21 -3.18
C ARG A 54 39.91 -48.36 -4.15
N SER A 55 39.75 -47.00 -4.10
CA SER A 55 40.50 -46.06 -4.96
C SER A 55 41.97 -46.14 -4.66
N LYS A 56 42.33 -46.20 -3.34
CA LYS A 56 43.74 -46.32 -2.93
C LYS A 56 44.25 -47.74 -3.24
N ALA A 57 43.37 -48.76 -3.14
CA ALA A 57 43.75 -50.15 -3.49
C ALA A 57 44.12 -50.27 -5.00
N ILE A 58 43.54 -49.41 -5.89
CA ILE A 58 43.88 -49.40 -7.32
C ILE A 58 45.38 -49.14 -7.50
N GLY A 59 45.91 -48.12 -6.81
CA GLY A 59 47.32 -47.74 -6.86
C GLY A 59 48.22 -48.90 -6.48
N GLN A 60 47.85 -49.60 -5.38
CA GLN A 60 48.56 -50.79 -4.86
C GLN A 60 48.49 -51.99 -5.80
N ALA A 61 47.31 -52.27 -6.41
CA ALA A 61 47.06 -53.36 -7.39
C ALA A 61 47.93 -53.12 -8.63
N LYS A 62 48.04 -51.83 -9.08
CA LYS A 62 48.92 -51.44 -10.21
C LYS A 62 50.38 -51.78 -9.91
N GLN A 63 50.81 -51.54 -8.67
CA GLN A 63 52.18 -51.81 -8.23
C GLN A 63 52.48 -53.32 -8.21
N ARG A 64 51.41 -54.13 -8.13
CA ARG A 64 51.51 -55.59 -8.13
C ARG A 64 51.30 -56.21 -9.51
N GLY A 65 50.94 -55.40 -10.50
CA GLY A 65 50.66 -55.84 -11.87
C GLY A 65 49.32 -56.54 -11.99
N GLU A 66 48.39 -56.29 -11.02
CA GLU A 66 47.06 -56.93 -10.94
C GLU A 66 45.97 -56.21 -11.75
N ASP A 67 44.89 -56.96 -12.05
CA ASP A 67 43.71 -56.51 -12.78
C ASP A 67 42.92 -55.52 -11.90
N ILE A 68 42.82 -54.27 -12.36
CA ILE A 68 42.14 -53.21 -11.60
C ILE A 68 40.64 -53.06 -11.97
N ALA A 69 40.15 -53.81 -12.98
CA ALA A 69 38.75 -53.80 -13.43
C ALA A 69 37.73 -54.07 -12.30
N PRO A 70 37.87 -55.12 -11.43
CA PRO A 70 36.92 -55.26 -10.31
C PRO A 70 36.94 -54.08 -9.34
N LEU A 71 38.10 -53.41 -9.17
CA LEU A 71 38.20 -52.27 -8.28
C LEU A 71 37.60 -51.02 -8.92
N LEU A 72 37.81 -50.82 -10.24
CA LEU A 72 37.23 -49.68 -10.97
C LEU A 72 35.71 -49.77 -10.95
N ALA A 73 35.17 -50.98 -11.13
CA ALA A 73 33.71 -51.22 -11.14
C ALA A 73 33.08 -50.98 -9.76
N ASP A 74 33.78 -51.33 -8.66
CA ASP A 74 33.28 -51.08 -7.30
C ASP A 74 33.23 -49.57 -7.06
N VAL A 75 34.34 -48.86 -7.38
CA VAL A 75 34.50 -47.41 -7.21
C VAL A 75 33.39 -46.66 -7.96
N ASP A 76 33.13 -47.06 -9.20
CA ASP A 76 32.11 -46.45 -10.05
C ASP A 76 30.71 -46.60 -9.42
N ARG A 77 30.33 -47.83 -9.00
CA ARG A 77 29.05 -48.11 -8.34
C ARG A 77 28.92 -47.37 -7.00
N MET A 78 29.95 -47.43 -6.14
CA MET A 78 29.96 -46.76 -4.83
C MET A 78 29.80 -45.26 -4.96
N GLY A 79 30.50 -44.67 -5.93
CA GLY A 79 30.41 -43.23 -6.20
C GLY A 79 29.00 -42.84 -6.60
N SER A 80 28.37 -43.65 -7.49
CA SER A 80 27.02 -43.42 -7.99
C SER A 80 25.98 -43.49 -6.86
N GLU A 81 26.11 -44.48 -5.97
CA GLU A 81 25.22 -44.62 -4.83
C GLU A 81 25.42 -43.46 -3.83
N LEU A 82 26.68 -42.99 -3.65
CA LEU A 82 26.98 -41.82 -2.80
C LEU A 82 26.26 -40.57 -3.29
N GLU A 83 26.20 -40.38 -4.63
CA GLU A 83 25.49 -39.25 -5.25
C GLU A 83 23.99 -39.36 -4.96
N GLU A 84 23.45 -40.59 -4.98
CA GLU A 84 22.04 -40.82 -4.66
C GLU A 84 21.77 -40.55 -3.18
N GLY A 85 22.66 -41.03 -2.31
CA GLY A 85 22.57 -40.81 -0.87
C GLY A 85 22.49 -39.33 -0.54
N LYS A 86 23.20 -38.48 -1.32
CA LYS A 86 23.21 -37.02 -1.19
C LYS A 86 21.87 -36.42 -1.61
N ARG A 87 21.29 -36.89 -2.73
CA ARG A 87 19.97 -36.45 -3.22
C ARG A 87 18.90 -36.84 -2.20
N GLN A 88 19.03 -38.05 -1.61
CA GLN A 88 18.13 -38.55 -0.57
C GLN A 88 18.17 -37.65 0.67
N LEU A 89 19.40 -37.35 1.17
CA LEU A 89 19.62 -36.49 2.34
C LEU A 89 19.09 -35.08 2.15
N ASP A 90 19.27 -34.51 0.93
CA ASP A 90 18.74 -33.19 0.60
C ASP A 90 17.23 -33.20 0.50
N ALA A 91 16.62 -34.27 -0.07
CA ALA A 91 15.16 -34.39 -0.17
C ALA A 91 14.53 -34.56 1.24
N ILE A 92 15.21 -35.29 2.16
CA ILE A 92 14.73 -35.45 3.56
C ILE A 92 14.74 -34.07 4.29
N GLN A 93 15.89 -33.35 4.22
CA GLN A 93 16.06 -32.02 4.80
C GLN A 93 15.06 -31.02 4.19
N GLY A 94 14.81 -31.11 2.87
CA GLY A 94 13.84 -30.28 2.17
C GLY A 94 12.43 -30.50 2.71
N GLU A 95 12.05 -31.77 2.98
CA GLU A 95 10.74 -32.10 3.52
C GLU A 95 10.61 -31.58 4.98
N LEU A 96 11.69 -31.71 5.76
CA LEU A 96 11.70 -31.26 7.15
C LEU A 96 11.60 -29.72 7.22
N ASP A 97 12.33 -29.00 6.35
CA ASP A 97 12.30 -27.54 6.23
C ASP A 97 10.88 -27.05 5.92
N ALA A 98 10.20 -27.67 4.93
CA ALA A 98 8.83 -27.29 4.58
C ALA A 98 7.88 -27.50 5.75
N MET A 99 8.04 -28.61 6.51
CA MET A 99 7.23 -28.89 7.70
C MET A 99 7.49 -27.84 8.80
N LEU A 100 8.79 -27.57 9.09
CA LEU A 100 9.18 -26.61 10.16
C LEU A 100 8.70 -25.16 9.91
N LEU A 101 8.37 -24.81 8.64
CA LEU A 101 7.80 -23.52 8.25
C LEU A 101 6.30 -23.40 8.55
N GLY A 102 5.66 -24.51 8.92
CA GLY A 102 4.25 -24.53 9.28
C GLY A 102 3.98 -24.65 10.77
N ILE A 103 5.01 -24.53 11.61
CA ILE A 103 4.88 -24.67 13.06
C ILE A 103 4.72 -23.31 13.77
N PRO A 104 3.68 -23.12 14.61
CA PRO A 104 3.56 -21.83 15.33
C PRO A 104 4.66 -21.61 16.36
N ASN A 105 4.76 -20.38 16.85
CA ASN A 105 5.76 -20.02 17.82
C ASN A 105 5.48 -20.68 19.17
N LEU A 106 6.54 -20.81 20.01
CA LEU A 106 6.40 -21.37 21.34
C LEU A 106 5.92 -20.26 22.29
N PRO A 107 4.80 -20.44 23.02
CA PRO A 107 4.37 -19.38 23.97
C PRO A 107 5.38 -19.28 25.11
N HIS A 108 5.63 -18.05 25.58
CA HIS A 108 6.51 -17.78 26.73
C HIS A 108 5.85 -18.47 27.96
N GLU A 109 6.67 -18.84 28.98
CA GLU A 109 6.14 -19.51 30.18
C GLU A 109 5.19 -18.62 30.99
N SER A 110 5.25 -17.28 30.81
CA SER A 110 4.39 -16.32 31.50
C SER A 110 3.00 -16.17 30.86
N VAL A 111 2.75 -16.87 29.73
CA VAL A 111 1.46 -16.81 29.05
C VAL A 111 0.50 -17.77 29.76
N PRO A 112 -0.69 -17.31 30.22
CA PRO A 112 -1.62 -18.26 30.87
C PRO A 112 -2.02 -19.37 29.91
N VAL A 113 -1.99 -20.61 30.40
CA VAL A 113 -2.34 -21.78 29.60
C VAL A 113 -3.87 -21.85 29.50
N GLY A 114 -4.36 -21.92 28.27
CA GLY A 114 -5.79 -21.99 28.03
C GLY A 114 -6.06 -22.48 26.64
N ALA A 115 -7.23 -23.12 26.43
CA ALA A 115 -7.61 -23.69 25.15
C ALA A 115 -8.38 -22.75 24.23
N ASP A 116 -8.95 -21.64 24.76
CA ASP A 116 -9.75 -20.68 23.98
C ASP A 116 -9.76 -19.26 24.57
N GLU A 117 -10.42 -18.32 23.88
CA GLU A 117 -10.57 -16.91 24.25
C GLU A 117 -11.13 -16.69 25.65
N ASP A 118 -11.86 -17.67 26.21
CA ASP A 118 -12.42 -17.61 27.55
C ASP A 118 -11.35 -17.73 28.66
N ALA A 119 -10.12 -18.17 28.30
CA ALA A 119 -9.01 -18.26 29.25
C ALA A 119 -8.06 -17.02 29.16
N ASN A 120 -8.44 -16.03 28.33
CA ASN A 120 -7.71 -14.77 28.22
C ASN A 120 -7.98 -13.98 29.51
N VAL A 121 -6.99 -13.26 30.02
CA VAL A 121 -7.16 -12.53 31.27
C VAL A 121 -7.09 -11.02 31.09
N GLU A 122 -7.91 -10.29 31.84
CA GLU A 122 -7.83 -8.85 31.86
C GLU A 122 -6.61 -8.48 32.71
N VAL A 123 -5.73 -7.67 32.14
CA VAL A 123 -4.54 -7.19 32.86
C VAL A 123 -4.90 -5.92 33.64
N ARG A 124 -5.62 -5.02 32.98
CA ARG A 124 -6.05 -3.72 33.52
C ARG A 124 -6.98 -3.09 32.52
N ARG A 125 -7.68 -2.04 32.95
CA ARG A 125 -8.51 -1.18 32.13
C ARG A 125 -8.28 0.28 32.57
N TRP A 126 -8.57 1.25 31.71
CA TRP A 126 -8.36 2.66 31.95
C TRP A 126 -9.58 3.40 31.42
N GLY A 127 -10.02 4.43 32.14
CA GLY A 127 -11.15 5.23 31.72
C GLY A 127 -12.48 4.58 32.05
N THR A 128 -13.54 5.40 32.11
CA THR A 128 -14.87 4.92 32.43
C THR A 128 -15.81 5.10 31.26
N PRO A 129 -16.40 3.99 30.74
CA PRO A 129 -17.36 4.13 29.62
C PRO A 129 -18.47 5.10 30.00
N LYS A 130 -18.69 6.12 29.15
CA LYS A 130 -19.68 7.16 29.39
C LYS A 130 -21.11 6.61 29.49
N THR A 131 -21.92 7.16 30.41
CA THR A 131 -23.33 6.78 30.50
C THR A 131 -24.05 7.89 29.76
N PHE A 132 -24.63 7.58 28.62
CA PHE A 132 -25.27 8.62 27.82
C PHE A 132 -26.68 8.95 28.31
N ASP A 133 -27.08 10.23 28.15
CA ASP A 133 -28.40 10.77 28.54
C ASP A 133 -29.49 10.47 27.49
N PHE A 134 -29.10 9.88 26.34
CA PHE A 134 -29.95 9.55 25.20
C PHE A 134 -29.60 8.14 24.63
N GLU A 135 -30.37 7.66 23.64
CA GLU A 135 -30.19 6.38 22.96
C GLU A 135 -28.97 6.52 22.01
N VAL A 136 -27.89 5.76 22.29
CA VAL A 136 -26.68 5.85 21.48
C VAL A 136 -26.91 5.33 20.06
N LYS A 137 -26.25 6.00 19.12
CA LYS A 137 -26.27 5.61 17.71
C LYS A 137 -24.92 4.97 17.42
N ASP A 138 -24.90 4.00 16.50
CA ASP A 138 -23.68 3.35 16.08
C ASP A 138 -22.94 4.25 15.08
N HIS A 139 -21.66 3.93 14.72
CA HIS A 139 -20.87 4.74 13.78
C HIS A 139 -21.49 4.86 12.39
N VAL A 140 -22.18 3.79 11.93
CA VAL A 140 -22.87 3.76 10.62
C VAL A 140 -23.96 4.83 10.58
N ALA A 141 -24.86 4.83 11.60
CA ALA A 141 -25.95 5.82 11.71
C ALA A 141 -25.37 7.24 11.82
N LEU A 142 -24.32 7.43 12.68
CA LEU A 142 -23.69 8.73 12.89
C LEU A 142 -23.03 9.28 11.62
N GLY A 143 -22.26 8.44 10.93
CA GLY A 143 -21.55 8.82 9.73
C GLY A 143 -22.39 8.99 8.48
N GLU A 144 -23.52 8.28 8.38
CA GLU A 144 -24.35 8.34 7.17
C GLU A 144 -25.18 9.61 7.04
N ARG A 145 -25.54 10.25 8.17
CA ARG A 145 -26.40 11.44 8.28
C ARG A 145 -26.20 12.50 7.17
N HIS A 146 -24.94 12.89 6.89
CA HIS A 146 -24.65 13.90 5.87
C HIS A 146 -23.82 13.33 4.69
N GLY A 147 -23.69 12.01 4.64
CA GLY A 147 -22.97 11.27 3.60
C GLY A 147 -21.47 11.26 3.76
N TRP A 148 -21.00 11.67 4.95
CA TRP A 148 -19.58 11.76 5.28
C TRP A 148 -18.93 10.39 5.54
N LEU A 149 -19.75 9.36 5.81
CA LEU A 149 -19.31 7.95 5.92
C LEU A 149 -20.26 7.22 4.98
N ASP A 150 -19.72 6.70 3.86
CA ASP A 150 -20.53 6.15 2.77
C ASP A 150 -20.08 4.76 2.34
N PHE A 151 -20.89 3.75 2.71
CA PHE A 151 -20.61 2.35 2.36
C PHE A 151 -21.22 1.96 1.03
N GLU A 152 -22.31 2.62 0.66
CA GLU A 152 -23.02 2.34 -0.60
C GLU A 152 -22.20 2.72 -1.81
N THR A 153 -21.60 3.94 -1.81
CA THR A 153 -20.76 4.40 -2.91
C THR A 153 -19.51 3.52 -2.96
N ALA A 154 -18.98 3.13 -1.78
CA ALA A 154 -17.80 2.25 -1.73
C ALA A 154 -18.09 0.88 -2.37
N ALA A 155 -19.31 0.33 -2.12
CA ALA A 155 -19.78 -0.94 -2.68
C ALA A 155 -19.96 -0.80 -4.19
N LYS A 156 -20.45 0.35 -4.66
CA LYS A 156 -20.60 0.65 -6.08
C LYS A 156 -19.21 0.57 -6.79
N LEU A 157 -18.15 1.08 -6.14
CA LEU A 157 -16.78 1.09 -6.68
C LEU A 157 -16.07 -0.26 -6.58
N SER A 158 -16.15 -0.88 -5.40
CA SER A 158 -15.30 -1.99 -5.02
C SER A 158 -15.96 -3.25 -4.44
N GLY A 159 -17.28 -3.22 -4.27
CA GLY A 159 -17.99 -4.33 -3.64
C GLY A 159 -17.95 -4.18 -2.13
N ALA A 160 -18.37 -5.22 -1.40
CA ALA A 160 -18.44 -5.23 0.07
C ALA A 160 -17.09 -5.05 0.78
N ARG A 161 -17.14 -4.61 2.06
CA ARG A 161 -16.01 -4.46 2.99
C ARG A 161 -15.02 -3.34 2.59
N PHE A 162 -15.58 -2.25 2.03
CA PHE A 162 -14.83 -1.03 1.68
C PHE A 162 -15.62 0.16 2.17
N ALA A 163 -14.95 1.28 2.37
CA ALA A 163 -15.62 2.48 2.85
C ALA A 163 -15.15 3.72 2.13
N LEU A 164 -16.05 4.69 2.02
CA LEU A 164 -15.71 6.00 1.50
C LEU A 164 -15.98 6.99 2.64
N MET A 165 -15.02 7.89 2.91
CA MET A 165 -15.22 8.94 3.91
C MET A 165 -15.07 10.26 3.19
N ARG A 166 -15.83 11.26 3.61
CA ARG A 166 -15.80 12.58 2.99
C ARG A 166 -15.83 13.66 4.05
N GLY A 167 -15.40 14.86 3.66
CA GLY A 167 -15.43 16.08 4.47
C GLY A 167 -14.84 15.95 5.86
N PRO A 168 -15.57 16.38 6.92
CA PRO A 168 -15.03 16.31 8.29
C PRO A 168 -14.76 14.89 8.83
N ILE A 169 -15.46 13.86 8.35
CA ILE A 169 -15.16 12.48 8.80
C ILE A 169 -13.85 12.00 8.15
N ALA A 170 -13.62 12.33 6.84
CA ALA A 170 -12.34 12.00 6.17
C ALA A 170 -11.22 12.74 6.92
N ARG A 171 -11.46 14.03 7.27
CA ARG A 171 -10.49 14.86 7.98
C ARG A 171 -10.19 14.31 9.36
N LEU A 172 -11.23 13.86 10.08
CA LEU A 172 -11.03 13.26 11.42
C LEU A 172 -10.17 11.99 11.33
N HIS A 173 -10.41 11.16 10.31
CA HIS A 173 -9.65 9.93 10.12
C HIS A 173 -8.17 10.28 9.85
N ARG A 174 -7.91 11.30 8.99
CA ARG A 174 -6.55 11.75 8.67
C ARG A 174 -5.86 12.32 9.93
N ALA A 175 -6.60 13.14 10.69
CA ALA A 175 -6.17 13.77 11.96
C ALA A 175 -5.72 12.68 12.93
N LEU A 176 -6.46 11.57 13.01
CA LEU A 176 -6.12 10.43 13.88
C LEU A 176 -4.81 9.79 13.52
N ALA A 177 -4.57 9.55 12.22
CA ALA A 177 -3.33 8.91 11.76
C ALA A 177 -2.16 9.84 11.99
N GLN A 178 -2.32 11.16 11.69
CA GLN A 178 -1.27 12.16 11.87
C GLN A 178 -0.89 12.25 13.35
N PHE A 179 -1.90 12.31 14.22
CA PHE A 179 -1.75 12.38 15.66
C PHE A 179 -0.93 11.19 16.16
N MET A 180 -1.28 9.97 15.70
CA MET A 180 -0.59 8.72 16.06
C MET A 180 0.89 8.74 15.66
N ILE A 181 1.21 9.04 14.37
CA ILE A 181 2.59 9.11 13.88
C ILE A 181 3.37 10.17 14.61
N ASN A 182 2.79 11.38 14.79
CA ASN A 182 3.46 12.47 15.49
C ASN A 182 3.80 12.08 16.92
N LEU A 183 2.87 11.40 17.62
CA LEU A 183 3.07 10.96 18.99
C LEU A 183 4.22 9.97 19.11
N HIS A 184 4.23 8.92 18.27
CA HIS A 184 5.24 7.86 18.35
C HIS A 184 6.63 8.35 17.98
N THR A 185 6.72 9.29 17.02
CA THR A 185 8.01 9.86 16.60
C THR A 185 8.52 10.86 17.65
N ALA A 186 7.63 11.69 18.21
CA ALA A 186 8.04 12.71 19.16
C ALA A 186 8.28 12.19 20.58
N GLU A 187 7.45 11.26 21.04
CA GLU A 187 7.58 10.85 22.44
C GLU A 187 7.98 9.41 22.69
N HIS A 188 7.86 8.53 21.68
CA HIS A 188 8.10 7.10 21.97
C HIS A 188 9.36 6.50 21.34
N GLY A 189 10.20 7.33 20.72
CA GLY A 189 11.47 6.91 20.12
C GLY A 189 11.40 6.16 18.81
N TYR A 190 10.26 6.24 18.09
CA TYR A 190 10.13 5.52 16.81
C TYR A 190 10.61 6.37 15.64
N GLU A 191 11.30 5.72 14.72
CA GLU A 191 11.75 6.32 13.47
C GLU A 191 10.65 6.04 12.43
N GLU A 192 10.21 7.10 11.79
CA GLU A 192 9.17 7.06 10.78
C GLU A 192 9.68 6.40 9.51
N ALA A 193 8.80 5.60 8.86
CA ALA A 193 9.18 5.01 7.57
C ALA A 193 8.01 5.00 6.63
N TYR A 194 8.27 5.26 5.35
CA TYR A 194 7.30 5.10 4.28
C TYR A 194 7.76 3.80 3.60
N THR A 195 6.86 2.83 3.42
CA THR A 195 7.29 1.58 2.80
C THR A 195 6.47 1.20 1.57
N PRO A 196 6.96 0.23 0.76
CA PRO A 196 6.09 -0.35 -0.28
C PRO A 196 4.89 -1.04 0.39
N TYR A 197 3.75 -1.04 -0.32
CA TYR A 197 2.51 -1.69 0.11
C TYR A 197 2.34 -3.02 -0.65
N LEU A 198 3.24 -3.29 -1.60
CA LEU A 198 3.28 -4.53 -2.38
C LEU A 198 4.62 -5.15 -2.12
N VAL A 199 4.63 -6.43 -1.76
CA VAL A 199 5.90 -7.13 -1.45
C VAL A 199 5.91 -8.47 -2.15
N GLN A 200 7.10 -9.04 -2.30
CA GLN A 200 7.22 -10.38 -2.86
C GLN A 200 7.07 -11.39 -1.70
N ALA A 201 6.93 -12.68 -2.02
CA ALA A 201 6.76 -13.77 -1.05
C ALA A 201 7.85 -13.86 0.03
N PRO A 202 9.19 -13.68 -0.24
CA PRO A 202 10.18 -13.84 0.87
C PRO A 202 9.94 -12.94 2.10
N ALA A 203 9.45 -11.69 1.91
CA ALA A 203 9.15 -10.79 3.04
C ALA A 203 8.04 -11.39 3.92
N LEU A 204 6.99 -11.93 3.28
CA LEU A 204 5.85 -12.56 3.95
C LEU A 204 6.24 -13.87 4.64
N GLN A 205 7.20 -14.61 4.08
CA GLN A 205 7.74 -15.80 4.75
C GLN A 205 8.59 -15.32 5.96
N GLY A 206 9.29 -14.19 5.81
CA GLY A 206 10.10 -13.63 6.89
C GLY A 206 9.29 -13.32 8.13
N THR A 207 8.07 -12.77 7.95
CA THR A 207 7.24 -12.44 9.13
C THR A 207 6.22 -13.54 9.51
N GLY A 208 6.09 -14.61 8.70
CA GLY A 208 5.23 -15.75 9.03
C GLY A 208 3.90 -15.91 8.33
N GLN A 209 3.44 -14.88 7.57
CA GLN A 209 2.16 -14.97 6.81
C GLN A 209 2.28 -16.08 5.73
N LEU A 210 3.49 -16.29 5.19
CA LEU A 210 3.77 -17.38 4.26
C LEU A 210 4.67 -18.44 4.91
N PRO A 211 4.55 -19.73 4.55
CA PRO A 211 3.72 -20.28 3.46
C PRO A 211 2.26 -20.60 3.79
N LYS A 212 1.92 -20.68 5.07
CA LYS A 212 0.63 -21.15 5.55
C LYS A 212 -0.59 -20.27 5.35
N PHE A 213 -0.45 -18.94 5.36
CA PHE A 213 -1.65 -18.09 5.32
C PHE A 213 -1.76 -17.30 4.00
N GLU A 214 -1.37 -17.93 2.88
CA GLU A 214 -1.48 -17.32 1.56
C GLU A 214 -2.91 -16.89 1.21
N GLU A 215 -3.92 -17.74 1.58
CA GLU A 215 -5.33 -17.51 1.25
C GLU A 215 -5.95 -16.22 1.86
N ASP A 216 -5.29 -15.64 2.88
CA ASP A 216 -5.74 -14.43 3.57
C ASP A 216 -5.22 -13.13 2.92
N LEU A 217 -4.38 -13.29 1.89
CA LEU A 217 -3.73 -12.18 1.19
C LEU A 217 -4.27 -11.95 -0.19
N PHE A 218 -4.18 -10.71 -0.66
CA PHE A 218 -4.49 -10.36 -2.02
C PHE A 218 -3.17 -10.50 -2.78
N LYS A 219 -3.18 -11.29 -3.85
CA LYS A 219 -2.02 -11.56 -4.67
C LYS A 219 -2.21 -10.99 -6.09
N ILE A 220 -1.15 -10.44 -6.65
CA ILE A 220 -1.11 -9.90 -8.00
C ILE A 220 -0.23 -10.89 -8.79
N GLY A 221 -0.87 -11.74 -9.58
CA GLY A 221 -0.22 -12.72 -10.44
C GLY A 221 0.44 -12.01 -11.62
N ARG A 222 1.72 -12.32 -11.88
CA ARG A 222 2.47 -11.65 -12.95
C ARG A 222 3.16 -12.60 -13.94
N ASP A 223 3.04 -12.29 -15.24
CA ASP A 223 3.61 -13.11 -16.32
C ASP A 223 5.15 -13.02 -16.35
N GLY A 224 5.80 -14.12 -15.95
CA GLY A 224 7.27 -14.25 -15.92
C GLY A 224 7.96 -13.25 -15.03
N GLU A 225 7.33 -12.94 -13.87
CA GLU A 225 7.78 -12.03 -12.84
C GLU A 225 7.40 -12.65 -11.50
N ALA A 226 8.06 -12.23 -10.42
CA ALA A 226 7.69 -12.72 -9.09
C ALA A 226 6.30 -12.14 -8.77
N ASP A 227 5.45 -12.93 -8.15
CA ASP A 227 4.12 -12.45 -7.74
C ASP A 227 4.27 -11.37 -6.67
N LEU A 228 3.32 -10.43 -6.63
CA LEU A 228 3.32 -9.40 -5.60
C LEU A 228 2.10 -9.64 -4.72
N TYR A 229 2.20 -9.25 -3.47
CA TYR A 229 1.11 -9.36 -2.52
C TYR A 229 0.92 -8.02 -1.87
N LEU A 230 -0.34 -7.66 -1.65
CA LEU A 230 -0.64 -6.44 -0.91
C LEU A 230 -0.35 -6.73 0.56
N ILE A 231 0.30 -5.79 1.25
CA ILE A 231 0.62 -6.01 2.66
C ILE A 231 -0.62 -6.12 3.53
N PRO A 232 -0.69 -7.15 4.41
CA PRO A 232 -1.82 -7.20 5.37
C PRO A 232 -1.63 -6.25 6.57
N THR A 233 -0.40 -5.75 6.75
CA THR A 233 0.06 -4.90 7.87
C THR A 233 1.48 -4.42 7.55
N ALA A 234 1.87 -3.21 8.01
CA ALA A 234 3.23 -2.66 7.84
C ALA A 234 4.25 -3.48 8.62
N GLU A 235 3.79 -4.38 9.49
CA GLU A 235 4.65 -5.33 10.18
C GLU A 235 5.53 -6.06 9.12
N VAL A 236 4.92 -6.49 8.01
CA VAL A 236 5.63 -7.22 6.94
C VAL A 236 6.78 -6.40 6.36
N SER A 237 6.47 -5.16 5.92
CA SER A 237 7.50 -4.30 5.29
C SER A 237 8.55 -3.81 6.30
N LEU A 238 8.11 -3.36 7.49
CA LEU A 238 9.03 -2.83 8.51
C LEU A 238 9.99 -3.86 9.09
N THR A 239 9.48 -5.03 9.52
CA THR A 239 10.30 -6.05 10.18
C THR A 239 11.41 -6.56 9.24
N ASN A 240 11.07 -6.67 7.95
CA ASN A 240 11.99 -7.14 6.91
C ASN A 240 13.06 -6.11 6.51
N ILE A 241 13.04 -4.87 7.07
CA ILE A 241 14.09 -3.86 6.78
C ILE A 241 15.48 -4.46 7.13
N VAL A 242 15.55 -5.19 8.28
CA VAL A 242 16.75 -5.84 8.82
C VAL A 242 16.99 -7.28 8.32
N SER A 243 16.21 -7.79 7.33
CA SER A 243 16.45 -9.17 6.86
C SER A 243 17.83 -9.36 6.26
N GLY A 244 18.43 -10.52 6.52
CA GLY A 244 19.76 -10.89 6.04
C GLY A 244 20.91 -10.05 6.57
N GLN A 245 20.70 -9.35 7.68
CA GLN A 245 21.72 -8.47 8.25
C GLN A 245 22.33 -8.93 9.56
N ILE A 246 23.57 -8.49 9.82
CA ILE A 246 24.25 -8.70 11.09
C ILE A 246 24.41 -7.29 11.62
N LEU A 247 23.54 -6.93 12.55
CA LEU A 247 23.52 -5.57 13.11
C LEU A 247 24.56 -5.41 14.19
N ASP A 248 25.02 -4.17 14.41
CA ASP A 248 25.94 -3.87 15.50
C ASP A 248 25.03 -3.74 16.73
N ALA A 249 25.40 -4.37 17.87
CA ALA A 249 24.58 -4.32 19.10
C ALA A 249 24.22 -2.89 19.56
N LYS A 250 25.04 -1.89 19.18
CA LYS A 250 24.87 -0.46 19.45
C LYS A 250 23.67 0.15 18.69
N GLN A 251 23.23 -0.49 17.59
CA GLN A 251 22.07 -0.05 16.78
C GLN A 251 20.75 -0.47 17.43
N LEU A 252 20.80 -1.43 18.39
CA LEU A 252 19.61 -1.95 19.08
C LEU A 252 19.21 -1.12 20.29
N PRO A 253 17.90 -0.86 20.53
CA PRO A 253 16.74 -1.27 19.71
C PRO A 253 16.54 -0.41 18.46
N LEU A 254 16.05 -1.04 17.37
CA LEU A 254 15.65 -0.31 16.16
C LEU A 254 14.15 -0.21 16.29
N LYS A 255 13.60 1.02 16.32
CA LYS A 255 12.18 1.23 16.50
C LYS A 255 11.61 1.95 15.28
N PHE A 256 10.63 1.30 14.58
CA PHE A 256 10.00 1.85 13.39
C PHE A 256 8.51 2.08 13.55
N VAL A 257 8.02 3.11 12.88
CA VAL A 257 6.59 3.41 12.85
C VAL A 257 6.19 3.76 11.41
N ALA A 258 5.06 3.24 10.94
CA ALA A 258 4.59 3.56 9.61
C ALA A 258 3.06 3.64 9.64
N HIS A 259 2.51 4.51 8.80
CA HIS A 259 1.10 4.67 8.62
C HIS A 259 0.85 4.09 7.24
N THR A 260 0.19 2.93 7.17
CA THR A 260 -0.06 2.36 5.84
C THR A 260 -1.49 1.85 5.70
N PRO A 261 -2.04 1.73 4.47
CA PRO A 261 -3.27 0.94 4.30
C PRO A 261 -2.84 -0.53 4.51
N CYS A 262 -3.79 -1.39 4.90
CA CYS A 262 -3.61 -2.81 5.20
C CYS A 262 -4.70 -3.55 4.45
N PHE A 263 -4.32 -4.61 3.72
CA PHE A 263 -5.26 -5.32 2.85
C PHE A 263 -5.34 -6.79 3.21
N ARG A 264 -6.55 -7.28 3.45
CA ARG A 264 -6.78 -8.66 3.85
C ARG A 264 -8.03 -9.21 3.17
N SER A 265 -7.96 -10.47 2.69
CA SER A 265 -9.11 -11.19 2.11
C SER A 265 -9.26 -12.42 2.99
N GLU A 266 -9.77 -12.22 4.19
CA GLU A 266 -9.87 -13.29 5.16
C GLU A 266 -11.24 -13.93 5.24
N ALA A 267 -11.29 -15.25 4.98
CA ALA A 267 -12.50 -16.06 5.03
C ALA A 267 -12.73 -16.57 6.45
N ASP A 273 -18.74 -8.82 11.41
CA ASP A 273 -19.18 -7.43 11.53
C ASP A 273 -19.62 -6.91 10.15
N THR A 274 -20.74 -7.45 9.63
CA THR A 274 -21.32 -7.16 8.31
C THR A 274 -21.67 -5.68 8.07
N ARG A 275 -22.12 -4.95 9.12
CA ARG A 275 -22.51 -3.53 9.06
C ARG A 275 -21.41 -2.62 9.63
N GLY A 276 -20.79 -1.81 8.76
CA GLY A 276 -19.78 -0.84 9.16
C GLY A 276 -18.35 -1.07 8.73
N MET A 277 -17.43 -0.35 9.39
CA MET A 277 -16.02 -0.38 9.05
C MET A 277 -15.13 -1.11 10.06
N ILE A 278 -15.71 -1.97 10.93
CA ILE A 278 -14.89 -2.74 11.89
C ILE A 278 -13.99 -3.71 11.13
N ARG A 279 -14.56 -4.48 10.20
CA ARG A 279 -13.83 -5.46 9.37
C ARG A 279 -13.85 -4.98 7.92
N GLN A 280 -12.67 -4.71 7.36
CA GLN A 280 -12.57 -4.19 6.00
C GLN A 280 -11.51 -4.91 5.21
N HIS A 281 -11.67 -4.95 3.86
CA HIS A 281 -10.66 -5.50 2.95
C HIS A 281 -9.45 -4.53 2.90
N GLN A 282 -9.68 -3.25 3.22
CA GLN A 282 -8.66 -2.21 3.29
C GLN A 282 -8.92 -1.37 4.54
N PHE A 283 -7.88 -1.11 5.32
CA PHE A 283 -7.99 -0.24 6.50
C PHE A 283 -6.63 0.35 6.81
N ASP A 284 -6.60 1.57 7.33
CA ASP A 284 -5.35 2.24 7.72
C ASP A 284 -4.96 1.80 9.11
N LYS A 285 -3.67 1.63 9.32
CA LYS A 285 -3.15 1.28 10.63
C LYS A 285 -1.81 1.92 10.80
N VAL A 286 -1.58 2.52 12.00
CA VAL A 286 -0.28 3.05 12.37
C VAL A 286 0.41 1.92 13.13
N GLU A 287 1.44 1.34 12.51
CA GLU A 287 2.16 0.19 13.03
C GLU A 287 3.47 0.53 13.71
N MET A 288 3.72 -0.08 14.89
CA MET A 288 4.98 0.07 15.62
C MET A 288 5.75 -1.24 15.56
N VAL A 289 7.01 -1.18 15.18
CA VAL A 289 7.86 -2.38 15.07
C VAL A 289 9.15 -2.16 15.82
N GLN A 290 9.62 -3.17 16.56
CA GLN A 290 10.88 -3.09 17.28
C GLN A 290 11.78 -4.28 16.95
N ILE A 291 13.06 -4.01 16.72
CA ILE A 291 14.11 -5.02 16.46
C ILE A 291 14.99 -4.86 17.70
N VAL A 292 15.01 -5.88 18.58
CA VAL A 292 15.69 -5.70 19.85
C VAL A 292 16.68 -6.80 20.23
N ASP A 293 17.48 -6.49 21.26
CA ASP A 293 18.40 -7.41 21.93
C ASP A 293 17.50 -8.49 22.61
N PRO A 294 17.71 -9.79 22.32
CA PRO A 294 16.88 -10.85 22.93
C PRO A 294 16.67 -10.76 24.44
N ALA A 295 17.68 -10.25 25.20
CA ALA A 295 17.60 -10.10 26.64
C ALA A 295 16.56 -9.08 27.11
N THR A 296 16.18 -8.12 26.23
CA THR A 296 15.25 -7.05 26.60
C THR A 296 13.82 -7.19 26.07
N SER A 297 13.51 -8.19 25.23
CA SER A 297 12.24 -8.26 24.50
C SER A 297 10.94 -8.29 25.34
N TYR A 298 10.93 -8.95 26.51
CA TYR A 298 9.71 -9.01 27.33
C TYR A 298 9.44 -7.69 28.01
N GLU A 299 10.51 -6.93 28.33
CA GLU A 299 10.40 -5.57 28.88
C GLU A 299 9.94 -4.63 27.74
N ALA A 300 10.52 -4.83 26.53
CA ALA A 300 10.19 -4.10 25.30
C ALA A 300 8.70 -4.26 24.97
N LEU A 301 8.10 -5.47 25.18
CA LEU A 301 6.65 -5.72 24.97
C LEU A 301 5.77 -4.84 25.89
N GLU A 302 6.17 -4.72 27.17
CA GLU A 302 5.45 -3.89 28.14
C GLU A 302 5.44 -2.41 27.68
N GLY A 303 6.59 -1.93 27.21
CA GLY A 303 6.76 -0.57 26.69
C GLY A 303 6.01 -0.35 25.39
N LEU A 304 6.00 -1.37 24.51
CA LEU A 304 5.26 -1.35 23.25
C LEU A 304 3.73 -1.21 23.52
N THR A 305 3.22 -2.05 24.42
CA THR A 305 1.81 -2.02 24.82
C THR A 305 1.44 -0.63 25.41
N ALA A 306 2.30 -0.07 26.28
CA ALA A 306 2.10 1.27 26.85
C ALA A 306 2.08 2.37 25.76
N ASN A 307 2.87 2.22 24.66
CA ASN A 307 2.88 3.20 23.56
C ASN A 307 1.51 3.23 22.84
N ALA A 308 0.88 2.05 22.67
CA ALA A 308 -0.43 1.90 22.05
C ALA A 308 -1.50 2.46 22.99
N GLU A 309 -1.41 2.12 24.31
CA GLU A 309 -2.32 2.63 25.34
C GLU A 309 -2.33 4.14 25.40
N ARG A 310 -1.15 4.78 25.27
CA ARG A 310 -0.99 6.24 25.31
C ARG A 310 -1.85 6.95 24.25
N VAL A 311 -2.11 6.30 23.10
CA VAL A 311 -2.97 6.86 22.05
C VAL A 311 -4.43 6.95 22.58
N LEU A 312 -4.92 5.85 23.19
CA LEU A 312 -6.28 5.76 23.72
C LEU A 312 -6.49 6.70 24.91
N GLN A 313 -5.46 6.83 25.77
CA GLN A 313 -5.48 7.73 26.94
C GLN A 313 -5.56 9.19 26.49
N LEU A 314 -4.70 9.59 25.54
CA LEU A 314 -4.71 10.96 25.02
C LEU A 314 -6.03 11.32 24.28
N LEU A 315 -6.66 10.32 23.66
CA LEU A 315 -7.96 10.48 22.98
C LEU A 315 -9.12 10.34 23.96
N GLU A 316 -8.82 10.02 25.26
CA GLU A 316 -9.78 9.83 26.36
C GLU A 316 -10.81 8.76 25.97
N LEU A 317 -10.31 7.68 25.39
CA LEU A 317 -11.16 6.57 24.98
C LEU A 317 -11.04 5.44 25.99
N PRO A 318 -12.10 5.08 26.73
CA PRO A 318 -11.97 3.98 27.71
C PRO A 318 -11.58 2.69 27.01
N TYR A 319 -10.68 1.91 27.63
CA TYR A 319 -10.19 0.69 27.00
C TYR A 319 -9.83 -0.34 28.08
N ARG A 320 -9.56 -1.56 27.64
CA ARG A 320 -9.17 -2.68 28.48
C ARG A 320 -7.95 -3.32 27.82
N VAL A 321 -7.07 -3.91 28.63
CA VAL A 321 -5.87 -4.62 28.18
C VAL A 321 -6.06 -6.09 28.53
N LEU A 322 -5.94 -6.98 27.53
CA LEU A 322 -6.05 -8.42 27.75
C LEU A 322 -4.75 -9.14 27.47
N ALA A 323 -4.40 -10.12 28.34
CA ALA A 323 -3.25 -10.99 28.08
C ALA A 323 -3.85 -12.21 27.38
N LEU A 324 -3.42 -12.47 26.14
CA LEU A 324 -3.98 -13.61 25.40
C LEU A 324 -3.46 -14.92 25.95
N CYS A 325 -4.31 -15.94 26.04
CA CYS A 325 -3.85 -17.22 26.56
C CYS A 325 -3.16 -18.00 25.41
N THR A 326 -2.53 -19.13 25.74
CA THR A 326 -1.79 -19.99 24.79
C THR A 326 -2.65 -20.40 23.59
N GLY A 327 -3.93 -20.69 23.84
CA GLY A 327 -4.87 -21.12 22.81
C GLY A 327 -5.51 -20.02 21.98
N ASP A 328 -5.19 -18.75 22.27
CA ASP A 328 -5.78 -17.66 21.51
C ASP A 328 -4.71 -16.71 20.89
N MET A 329 -3.53 -17.21 20.54
CA MET A 329 -2.48 -16.37 19.98
C MET A 329 -2.25 -16.52 18.49
N GLY A 330 -1.68 -15.47 17.90
CA GLY A 330 -1.29 -15.46 16.49
C GLY A 330 -0.12 -16.39 16.26
N PHE A 331 0.02 -16.89 15.04
CA PHE A 331 1.03 -17.85 14.60
C PHE A 331 2.47 -17.52 15.06
N GLY A 332 2.90 -16.27 14.86
CA GLY A 332 4.28 -15.89 15.15
C GLY A 332 4.58 -15.36 16.54
N SER A 333 3.59 -15.36 17.42
CA SER A 333 3.73 -14.76 18.76
C SER A 333 4.11 -15.71 19.87
N THR A 334 4.95 -15.23 20.81
CA THR A 334 5.33 -15.95 22.04
C THR A 334 4.47 -15.38 23.17
N LYS A 335 3.99 -14.14 23.02
CA LYS A 335 3.19 -13.45 24.05
C LYS A 335 2.52 -12.25 23.42
N THR A 336 1.21 -12.08 23.67
CA THR A 336 0.44 -10.98 23.13
C THR A 336 -0.44 -10.30 24.15
N TYR A 337 -0.50 -8.97 24.06
CA TYR A 337 -1.46 -8.14 24.76
C TYR A 337 -2.39 -7.52 23.72
N ASP A 338 -3.70 -7.68 23.88
CA ASP A 338 -4.68 -7.04 23.00
C ASP A 338 -5.27 -5.83 23.72
N LEU A 339 -5.43 -4.72 23.01
CA LEU A 339 -6.14 -3.58 23.57
C LEU A 339 -7.53 -3.63 22.94
N GLU A 340 -8.56 -3.38 23.75
CA GLU A 340 -9.93 -3.30 23.29
C GLU A 340 -10.56 -2.03 23.79
N VAL A 341 -11.09 -1.22 22.86
CA VAL A 341 -11.69 0.08 23.14
C VAL A 341 -13.19 -0.05 23.40
N TRP A 342 -13.71 0.82 24.26
CA TRP A 342 -15.13 0.84 24.52
C TRP A 342 -15.93 1.28 23.29
N VAL A 343 -16.97 0.50 22.94
CA VAL A 343 -17.84 0.83 21.81
C VAL A 343 -19.29 0.99 22.33
N PRO A 344 -19.71 2.25 22.61
CA PRO A 344 -21.05 2.50 23.19
C PRO A 344 -22.25 1.74 22.59
N SER A 345 -22.39 1.71 21.24
CA SER A 345 -23.54 1.04 20.58
C SER A 345 -23.57 -0.48 20.75
N GLN A 346 -22.41 -1.10 21.03
CA GLN A 346 -22.29 -2.54 21.22
C GLN A 346 -22.31 -2.90 22.70
N ASP A 347 -22.15 -1.89 23.57
CA ASP A 347 -22.10 -2.03 25.04
C ASP A 347 -21.03 -3.06 25.45
N LYS A 348 -19.85 -2.97 24.81
CA LYS A 348 -18.72 -3.86 25.07
C LYS A 348 -17.43 -3.23 24.56
N TYR A 349 -16.29 -3.83 24.95
CA TYR A 349 -14.97 -3.40 24.48
C TYR A 349 -14.69 -4.21 23.21
N ARG A 350 -14.13 -3.57 22.16
CA ARG A 350 -13.77 -4.22 20.88
C ARG A 350 -12.31 -3.99 20.57
N GLU A 351 -11.63 -5.05 20.09
CA GLU A 351 -10.21 -5.06 19.72
C GLU A 351 -9.85 -3.87 18.80
N ILE A 352 -8.74 -3.19 19.11
CA ILE A 352 -8.24 -2.01 18.39
C ILE A 352 -6.70 -2.11 18.14
N SER A 353 -6.05 -3.03 18.86
CA SER A 353 -4.61 -3.30 18.76
C SER A 353 -4.26 -4.69 19.29
N SER A 354 -3.18 -5.28 18.75
CA SER A 354 -2.55 -6.51 19.23
C SER A 354 -1.06 -6.15 19.28
N CYS A 355 -0.43 -6.28 20.46
CA CYS A 355 1.00 -6.02 20.68
C CYS A 355 1.65 -7.35 20.99
N SER A 356 2.61 -7.77 20.16
CA SER A 356 3.20 -9.08 20.34
C SER A 356 4.70 -9.10 20.43
N ASN A 357 5.24 -10.05 21.20
CA ASN A 357 6.66 -10.33 21.18
C ASN A 357 6.76 -11.62 20.35
N CYS A 358 7.51 -11.56 19.26
CA CYS A 358 7.72 -12.70 18.38
C CYS A 358 8.95 -13.51 18.78
N GLY A 359 9.74 -13.01 19.72
CA GLY A 359 10.98 -13.69 20.11
C GLY A 359 11.90 -13.70 18.91
N ASP A 360 12.58 -14.83 18.66
CA ASP A 360 13.51 -14.97 17.54
C ASP A 360 12.92 -15.68 16.30
N PHE A 361 11.59 -15.96 16.30
CA PHE A 361 10.84 -16.71 15.28
C PHE A 361 10.88 -16.05 13.89
N GLN A 362 10.57 -14.74 13.81
CA GLN A 362 10.63 -14.03 12.52
C GLN A 362 12.08 -13.81 12.13
N ALA A 363 12.95 -13.44 13.12
CA ALA A 363 14.39 -13.25 12.88
C ALA A 363 15.02 -14.51 12.27
N ARG A 364 14.63 -15.72 12.71
CA ARG A 364 15.17 -16.97 12.15
C ARG A 364 14.80 -17.12 10.66
N ARG A 365 13.52 -16.84 10.31
CA ARG A 365 13.02 -16.90 8.93
C ARG A 365 13.70 -15.87 8.02
N MET A 366 13.99 -14.65 8.55
CA MET A 366 14.63 -13.64 7.70
C MET A 366 16.16 -13.53 7.89
N GLN A 367 16.73 -14.33 8.81
CA GLN A 367 18.16 -14.31 9.16
C GLN A 367 18.60 -12.89 9.59
N ALA A 368 17.78 -12.27 10.47
CA ALA A 368 18.01 -10.94 11.05
C ALA A 368 18.79 -11.19 12.33
N ARG A 369 20.06 -10.81 12.29
CA ARG A 369 20.99 -11.04 13.38
C ARG A 369 21.64 -9.76 13.91
N TYR A 370 22.32 -9.89 15.05
CA TYR A 370 23.13 -8.83 15.66
C TYR A 370 24.43 -9.49 16.16
N ARG A 371 25.53 -8.73 16.25
CA ARG A 371 26.77 -9.32 16.75
C ARG A 371 26.83 -9.18 18.29
N ASN A 372 26.73 -10.32 19.00
CA ASN A 372 26.73 -10.38 20.47
C ASN A 372 28.09 -9.88 21.00
N PRO A 373 28.12 -8.82 21.85
CA PRO A 373 29.43 -8.27 22.30
C PRO A 373 30.33 -9.22 23.08
N GLU A 374 29.75 -10.18 23.82
CA GLU A 374 30.50 -11.15 24.60
C GLU A 374 31.17 -12.20 23.72
N THR A 375 30.37 -12.96 22.92
CA THR A 375 30.86 -14.02 22.04
C THR A 375 31.52 -13.51 20.76
N GLY A 376 31.06 -12.35 20.27
CA GLY A 376 31.53 -11.77 19.02
C GLY A 376 30.95 -12.46 17.81
N LYS A 377 29.95 -13.36 18.05
CA LYS A 377 29.28 -14.18 17.04
C LYS A 377 27.90 -13.64 16.67
N PRO A 378 27.43 -13.84 15.40
CA PRO A 378 26.08 -13.37 15.05
C PRO A 378 25.00 -14.19 15.74
N GLU A 379 24.03 -13.52 16.38
CA GLU A 379 22.91 -14.16 17.07
C GLU A 379 21.63 -13.54 16.54
N LEU A 380 20.51 -14.27 16.64
CA LEU A 380 19.22 -13.76 16.17
C LEU A 380 18.71 -12.64 17.07
N VAL A 381 18.14 -11.61 16.46
CA VAL A 381 17.52 -10.50 17.21
C VAL A 381 16.14 -11.00 17.65
N HIS A 382 15.45 -10.24 18.50
CA HIS A 382 14.04 -10.54 18.78
C HIS A 382 13.24 -9.47 18.06
N THR A 383 12.02 -9.76 17.65
CA THR A 383 11.20 -8.74 16.98
C THR A 383 9.87 -8.63 17.69
N LEU A 384 9.28 -7.43 17.64
CA LEU A 384 7.99 -7.12 18.23
C LEU A 384 7.23 -6.21 17.30
N ASN A 385 5.91 -6.27 17.39
CA ASN A 385 5.05 -5.43 16.58
C ASN A 385 3.79 -5.16 17.37
N GLY A 386 3.19 -4.01 17.13
CA GLY A 386 1.95 -3.63 17.80
C GLY A 386 1.25 -2.51 17.09
N SER A 387 -0.09 -2.56 17.07
CA SER A 387 -0.90 -1.52 16.41
C SER A 387 -0.95 -0.29 17.33
N GLY A 388 -0.67 0.86 16.79
CA GLY A 388 -0.71 2.11 17.57
C GLY A 388 -1.38 3.30 16.88
N LEU A 389 -2.60 3.15 16.32
CA LEU A 389 -3.52 2.01 16.34
C LEU A 389 -4.08 1.73 14.96
N ALA A 390 -5.01 0.74 14.86
CA ALA A 390 -5.82 0.52 13.64
C ALA A 390 -6.69 1.82 13.57
N VAL A 391 -6.53 2.61 12.50
CA VAL A 391 -7.10 3.95 12.36
C VAL A 391 -8.64 3.95 12.15
N GLY A 392 -9.16 3.05 11.31
CA GLY A 392 -10.60 2.98 11.08
C GLY A 392 -11.35 2.63 12.36
N ARG A 393 -10.81 1.65 13.15
CA ARG A 393 -11.41 1.28 14.44
C ARG A 393 -11.35 2.41 15.46
N THR A 394 -10.29 3.23 15.44
CA THR A 394 -10.19 4.38 16.33
C THR A 394 -11.25 5.38 15.94
N LEU A 395 -11.50 5.54 14.61
CA LEU A 395 -12.53 6.44 14.10
C LEU A 395 -13.89 6.02 14.63
N VAL A 396 -14.22 4.71 14.55
CA VAL A 396 -15.47 4.12 15.06
C VAL A 396 -15.61 4.52 16.55
N ALA A 397 -14.50 4.35 17.33
CA ALA A 397 -14.47 4.67 18.78
C ALA A 397 -14.67 6.15 19.06
N VAL A 398 -14.07 7.02 18.22
CA VAL A 398 -14.22 8.49 18.38
C VAL A 398 -15.67 8.91 18.10
N LEU A 399 -16.20 8.49 16.95
CA LEU A 399 -17.58 8.83 16.54
C LEU A 399 -18.60 8.43 17.63
N GLU A 400 -18.48 7.18 18.15
CA GLU A 400 -19.45 6.67 19.11
C GLU A 400 -19.30 7.22 20.51
N ASN A 401 -18.05 7.37 21.00
CA ASN A 401 -17.80 7.86 22.36
C ASN A 401 -18.04 9.35 22.49
N TYR A 402 -17.79 10.10 21.40
CA TYR A 402 -17.92 11.56 21.37
C TYR A 402 -19.24 12.07 20.79
N GLN A 403 -20.18 11.17 20.53
CA GLN A 403 -21.49 11.56 19.99
C GLN A 403 -22.27 12.42 20.98
N GLN A 404 -23.01 13.41 20.44
CA GLN A 404 -23.87 14.31 21.23
C GLN A 404 -25.34 13.97 20.92
N ALA A 405 -26.30 14.54 21.68
CA ALA A 405 -27.74 14.26 21.56
C ALA A 405 -28.32 14.46 20.17
N ASP A 406 -27.87 15.51 19.47
CA ASP A 406 -28.36 15.86 18.13
C ASP A 406 -27.71 15.01 16.99
N GLY A 407 -26.83 14.07 17.32
CA GLY A 407 -26.15 13.26 16.33
C GLY A 407 -24.82 13.85 15.88
N SER A 408 -24.48 15.05 16.40
CA SER A 408 -23.20 15.68 16.10
C SER A 408 -22.08 14.99 16.89
N ILE A 409 -20.83 15.20 16.47
CA ILE A 409 -19.68 14.57 17.13
C ILE A 409 -18.77 15.64 17.66
N ARG A 410 -18.43 15.56 18.96
CA ARG A 410 -17.49 16.49 19.59
C ARG A 410 -16.07 16.06 19.20
N VAL A 411 -15.24 17.01 18.75
CA VAL A 411 -13.87 16.69 18.32
C VAL A 411 -12.96 16.47 19.54
N PRO A 412 -12.26 15.30 19.68
CA PRO A 412 -11.34 15.11 20.83
C PRO A 412 -10.34 16.26 20.92
N GLU A 413 -10.04 16.72 22.15
CA GLU A 413 -9.09 17.81 22.40
C GLU A 413 -7.76 17.71 21.59
N VAL A 414 -7.12 16.53 21.61
CA VAL A 414 -5.82 16.34 20.93
C VAL A 414 -5.93 16.41 19.39
N LEU A 415 -7.14 16.29 18.84
CA LEU A 415 -7.36 16.31 17.39
C LEU A 415 -7.74 17.68 16.85
N LYS A 416 -8.15 18.62 17.72
CA LYS A 416 -8.53 19.99 17.35
C LYS A 416 -7.43 20.72 16.50
N PRO A 417 -6.09 20.62 16.82
CA PRO A 417 -5.08 21.27 15.94
C PRO A 417 -5.04 20.78 14.49
N TYR A 418 -5.60 19.58 14.22
CA TYR A 418 -5.62 18.94 12.90
C TYR A 418 -6.96 19.13 12.20
N MET A 419 -7.95 19.72 12.88
CA MET A 419 -9.30 19.82 12.35
C MET A 419 -9.68 21.21 11.80
N ALA A 420 -8.68 22.05 11.51
CA ALA A 420 -8.86 23.41 10.93
C ALA A 420 -10.04 24.19 11.52
N GLY A 421 -10.03 24.29 12.85
CA GLY A 421 -11.04 25.04 13.59
C GLY A 421 -12.33 24.31 13.92
N ILE A 422 -12.57 23.13 13.31
CA ILE A 422 -13.79 22.35 13.60
C ILE A 422 -13.66 21.75 14.99
N GLU A 423 -14.67 21.96 15.83
CA GLU A 423 -14.74 21.46 17.19
C GLU A 423 -15.92 20.52 17.35
N VAL A 424 -16.92 20.66 16.50
CA VAL A 424 -18.13 19.84 16.48
C VAL A 424 -18.41 19.43 15.02
N ILE A 425 -18.59 18.13 14.75
CA ILE A 425 -18.89 17.64 13.41
C ILE A 425 -20.40 17.44 13.27
N GLY A 426 -21.00 18.15 12.30
CA GLY A 426 -22.43 18.09 11.99
C GLY A 426 -23.29 18.72 13.10
N MET B 1 -16.54 7.76 -23.58
CA MET B 1 -17.28 7.60 -24.82
C MET B 1 -17.70 8.90 -25.43
N LEU B 2 -17.70 8.94 -26.77
CA LEU B 2 -18.13 10.10 -27.56
C LEU B 2 -19.64 10.09 -27.69
N ASP B 3 -20.25 11.25 -27.99
CA ASP B 3 -21.68 11.38 -28.26
C ASP B 3 -22.01 10.46 -29.47
N PRO B 4 -22.82 9.39 -29.26
CA PRO B 4 -23.12 8.46 -30.37
C PRO B 4 -23.82 9.10 -31.56
N LYS B 5 -24.56 10.21 -31.34
CA LYS B 5 -25.26 10.97 -32.37
C LYS B 5 -24.23 11.64 -33.32
N LEU B 6 -23.12 12.16 -32.76
CA LEU B 6 -22.04 12.84 -33.50
C LEU B 6 -21.29 11.83 -34.36
N VAL B 7 -21.00 10.64 -33.79
CA VAL B 7 -20.34 9.51 -34.45
C VAL B 7 -21.22 9.05 -35.64
N ARG B 8 -22.56 9.24 -35.53
CA ARG B 8 -23.57 8.87 -36.52
C ARG B 8 -23.82 9.97 -37.60
N THR B 9 -24.14 11.21 -37.18
CA THR B 9 -24.43 12.37 -38.06
C THR B 9 -23.19 13.03 -38.70
N GLN B 10 -22.04 13.03 -38.01
CA GLN B 10 -20.80 13.64 -38.53
C GLN B 10 -19.61 12.64 -38.50
N PRO B 11 -19.67 11.43 -39.11
CA PRO B 11 -18.53 10.50 -39.01
C PRO B 11 -17.21 11.02 -39.58
N GLN B 12 -17.25 11.75 -40.72
CA GLN B 12 -16.04 12.29 -41.36
C GLN B 12 -15.37 13.40 -40.52
N GLU B 13 -16.16 14.34 -39.96
CA GLU B 13 -15.63 15.42 -39.13
C GLU B 13 -15.06 14.88 -37.80
N VAL B 14 -15.71 13.84 -37.23
CA VAL B 14 -15.28 13.19 -35.98
C VAL B 14 -13.96 12.44 -36.25
N ALA B 15 -13.87 11.69 -37.38
CA ALA B 15 -12.65 10.99 -37.82
C ALA B 15 -11.50 11.99 -38.10
N ALA B 16 -11.81 13.17 -38.69
CA ALA B 16 -10.80 14.20 -38.95
C ALA B 16 -10.28 14.81 -37.65
N ARG B 17 -11.16 15.07 -36.66
CA ARG B 17 -10.75 15.59 -35.34
C ARG B 17 -9.92 14.55 -34.57
N LEU B 18 -10.29 13.26 -34.66
CA LEU B 18 -9.54 12.18 -33.99
C LEU B 18 -8.20 11.90 -34.66
N ALA B 19 -8.09 12.19 -35.99
CA ALA B 19 -6.85 12.01 -36.77
C ALA B 19 -5.71 12.91 -36.25
N THR B 20 -6.04 14.10 -35.71
CA THR B 20 -5.06 15.02 -35.09
C THR B 20 -4.39 14.37 -33.84
N ARG B 21 -5.05 13.36 -33.22
CA ARG B 21 -4.53 12.58 -32.09
C ARG B 21 -3.71 11.39 -32.59
N GLY B 22 -3.75 11.13 -33.89
CA GLY B 22 -3.08 9.98 -34.49
C GLY B 22 -3.93 8.73 -34.41
N PHE B 23 -5.23 8.89 -34.06
CA PHE B 23 -6.18 7.79 -33.98
C PHE B 23 -6.97 7.69 -35.28
N GLN B 24 -7.09 6.48 -35.84
CA GLN B 24 -7.84 6.26 -37.08
C GLN B 24 -9.19 5.65 -36.77
N LEU B 25 -10.27 6.46 -36.91
CA LEU B 25 -11.63 6.00 -36.65
C LEU B 25 -12.06 5.02 -37.74
N ASP B 26 -12.43 3.78 -37.34
CA ASP B 26 -12.87 2.74 -38.27
C ASP B 26 -14.31 3.04 -38.71
N VAL B 27 -14.47 4.10 -39.52
CA VAL B 27 -15.73 4.62 -40.06
C VAL B 27 -16.50 3.54 -40.84
N ALA B 28 -15.77 2.63 -41.53
CA ALA B 28 -16.33 1.52 -42.30
C ALA B 28 -17.00 0.48 -41.39
N ARG B 29 -16.32 0.04 -40.32
CA ARG B 29 -16.85 -0.94 -39.35
C ARG B 29 -18.06 -0.39 -38.57
N ILE B 30 -18.14 0.93 -38.35
CA ILE B 30 -19.28 1.59 -37.69
C ILE B 30 -20.43 1.69 -38.69
N GLU B 31 -20.15 2.15 -39.93
CA GLU B 31 -21.11 2.29 -41.03
C GLU B 31 -21.73 0.94 -41.41
N ALA B 32 -20.95 -0.15 -41.28
CA ALA B 32 -21.40 -1.52 -41.58
C ALA B 32 -22.31 -2.04 -40.47
N LEU B 33 -21.91 -1.85 -39.18
CA LEU B 33 -22.69 -2.27 -38.02
C LEU B 33 -24.01 -1.48 -37.87
N GLU B 34 -24.10 -0.29 -38.52
CA GLU B 34 -25.27 0.57 -38.52
C GLU B 34 -26.22 0.13 -39.63
N GLU B 35 -25.67 -0.21 -40.82
CA GLU B 35 -26.41 -0.68 -41.99
C GLU B 35 -26.91 -2.12 -41.77
N GLN B 36 -26.16 -2.94 -40.99
CA GLN B 36 -26.50 -4.32 -40.67
C GLN B 36 -27.66 -4.38 -39.66
N ARG B 37 -27.55 -3.61 -38.53
CA ARG B 37 -28.55 -3.54 -37.47
C ARG B 37 -29.89 -2.97 -37.96
N LYS B 38 -29.85 -2.06 -38.97
CA LYS B 38 -31.03 -1.45 -39.59
C LYS B 38 -31.79 -2.50 -40.42
N SER B 39 -31.07 -3.53 -40.91
CA SER B 39 -31.62 -4.64 -41.69
C SER B 39 -32.06 -5.78 -40.75
N VAL B 40 -31.30 -6.02 -39.66
CA VAL B 40 -31.59 -7.05 -38.66
C VAL B 40 -32.85 -6.73 -37.86
N GLN B 41 -33.13 -5.44 -37.62
CA GLN B 41 -34.31 -4.97 -36.90
C GLN B 41 -35.55 -5.02 -37.81
N THR B 42 -35.39 -4.63 -39.09
CA THR B 42 -36.45 -4.62 -40.11
C THR B 42 -36.99 -6.03 -40.43
N ARG B 43 -36.15 -7.08 -40.26
CA ARG B 43 -36.51 -8.47 -40.48
C ARG B 43 -37.03 -9.10 -39.20
N ASP B 90 -29.36 -8.36 -31.21
CA ASP B 90 -28.67 -7.71 -30.09
C ASP B 90 -27.15 -7.94 -30.12
N ALA B 91 -26.69 -8.93 -30.92
CA ALA B 91 -25.28 -9.30 -31.08
C ALA B 91 -24.40 -8.18 -31.67
N ILE B 92 -24.96 -7.41 -32.63
CA ILE B 92 -24.29 -6.30 -33.31
C ILE B 92 -24.04 -5.11 -32.36
N GLN B 93 -24.92 -4.94 -31.34
CA GLN B 93 -24.84 -3.88 -30.33
C GLN B 93 -23.64 -4.08 -29.41
N GLY B 94 -23.44 -5.31 -28.92
CA GLY B 94 -22.33 -5.68 -28.04
C GLY B 94 -20.97 -5.43 -28.66
N GLU B 95 -20.89 -5.56 -30.00
CA GLU B 95 -19.68 -5.35 -30.80
C GLU B 95 -19.44 -3.87 -31.05
N LEU B 96 -20.51 -3.09 -31.34
CA LEU B 96 -20.40 -1.65 -31.56
C LEU B 96 -19.99 -0.95 -30.26
N ASP B 97 -20.54 -1.39 -29.12
CA ASP B 97 -20.24 -0.88 -27.78
C ASP B 97 -18.74 -1.00 -27.47
N ALA B 98 -18.13 -2.17 -27.79
CA ALA B 98 -16.68 -2.43 -27.63
C ALA B 98 -15.84 -1.45 -28.47
N MET B 99 -16.26 -1.17 -29.70
CA MET B 99 -15.60 -0.18 -30.57
C MET B 99 -15.74 1.22 -29.98
N LEU B 100 -16.96 1.59 -29.55
CA LEU B 100 -17.28 2.89 -28.99
C LEU B 100 -16.47 3.18 -27.75
N LEU B 101 -16.20 2.13 -26.94
CA LEU B 101 -15.39 2.20 -25.72
C LEU B 101 -13.87 2.30 -26.00
N GLY B 102 -13.45 2.05 -27.24
CA GLY B 102 -12.05 2.15 -27.62
C GLY B 102 -11.69 3.47 -28.27
N ILE B 103 -12.65 4.42 -28.33
CA ILE B 103 -12.43 5.70 -29.01
C ILE B 103 -11.97 6.77 -28.03
N PRO B 104 -10.81 7.42 -28.30
CA PRO B 104 -10.35 8.50 -27.41
C PRO B 104 -11.21 9.76 -27.53
N ASN B 105 -11.11 10.64 -26.55
CA ASN B 105 -11.88 11.88 -26.50
C ASN B 105 -11.56 12.86 -27.62
N LEU B 106 -12.54 13.68 -28.02
CA LEU B 106 -12.32 14.68 -29.06
C LEU B 106 -11.53 15.86 -28.48
N PRO B 107 -10.37 16.23 -29.06
CA PRO B 107 -9.64 17.39 -28.49
C PRO B 107 -10.43 18.67 -28.74
N HIS B 108 -10.42 19.59 -27.77
CA HIS B 108 -11.10 20.89 -27.90
C HIS B 108 -10.43 21.67 -29.06
N GLU B 109 -11.15 22.61 -29.70
CA GLU B 109 -10.62 23.43 -30.81
C GLU B 109 -9.34 24.21 -30.45
N SER B 110 -9.24 24.69 -29.19
CA SER B 110 -8.09 25.44 -28.66
C SER B 110 -6.80 24.60 -28.48
N VAL B 111 -6.89 23.27 -28.60
CA VAL B 111 -5.74 22.39 -28.41
C VAL B 111 -4.78 22.48 -29.62
N PRO B 112 -3.49 22.80 -29.40
CA PRO B 112 -2.55 22.85 -30.54
C PRO B 112 -2.49 21.51 -31.28
N VAL B 113 -2.49 21.55 -32.61
CA VAL B 113 -2.43 20.32 -33.41
C VAL B 113 -0.96 19.96 -33.56
N GLY B 114 -0.64 18.72 -33.23
CA GLY B 114 0.72 18.20 -33.31
C GLY B 114 0.75 16.69 -33.18
N ALA B 115 1.81 16.06 -33.69
CA ALA B 115 1.96 14.60 -33.69
C ALA B 115 2.54 13.98 -32.43
N ASP B 116 3.39 14.72 -31.71
CA ASP B 116 4.10 14.21 -30.52
C ASP B 116 4.43 15.33 -29.51
N GLU B 117 5.12 14.96 -28.40
CA GLU B 117 5.53 15.83 -27.29
C GLU B 117 6.36 17.07 -27.72
N ASP B 118 7.06 16.99 -28.87
CA ASP B 118 7.83 18.10 -29.42
C ASP B 118 6.93 19.24 -29.94
N ALA B 119 5.63 18.96 -30.17
CA ALA B 119 4.65 19.97 -30.61
C ALA B 119 3.84 20.54 -29.41
N ASN B 120 4.21 20.15 -28.15
CA ASN B 120 3.58 20.70 -26.92
C ASN B 120 3.96 22.17 -26.80
N VAL B 121 3.04 23.01 -26.31
CA VAL B 121 3.32 24.44 -26.26
C VAL B 121 3.53 24.93 -24.83
N GLU B 122 4.68 25.57 -24.56
CA GLU B 122 4.91 26.18 -23.26
C GLU B 122 4.04 27.44 -23.18
N VAL B 123 3.05 27.46 -22.26
CA VAL B 123 2.14 28.62 -22.16
C VAL B 123 2.66 29.67 -21.16
N ARG B 124 3.38 29.25 -20.11
CA ARG B 124 3.94 30.16 -19.12
C ARG B 124 4.89 29.41 -18.23
N ARG B 125 5.64 30.18 -17.43
CA ARG B 125 6.59 29.70 -16.43
CA ARG B 125 6.55 29.67 -16.41
C ARG B 125 6.34 30.47 -15.12
N TRP B 126 7.01 30.05 -14.05
CA TRP B 126 6.97 30.73 -12.77
C TRP B 126 8.27 30.40 -12.08
N GLY B 127 8.93 31.45 -11.57
CA GLY B 127 10.17 31.30 -10.82
C GLY B 127 11.39 31.10 -11.68
N THR B 128 12.55 31.37 -11.09
CA THR B 128 13.85 31.25 -11.74
C THR B 128 14.60 30.03 -11.21
N PRO B 129 14.87 29.03 -12.08
CA PRO B 129 15.69 27.88 -11.65
C PRO B 129 17.00 28.39 -11.02
N LYS B 130 17.32 27.91 -9.82
CA LYS B 130 18.50 28.34 -9.06
C LYS B 130 19.83 28.00 -9.73
N THR B 131 20.79 28.94 -9.66
CA THR B 131 22.17 28.75 -10.11
C THR B 131 22.93 28.36 -8.84
N PHE B 132 23.54 27.17 -8.83
CA PHE B 132 24.28 26.62 -7.70
C PHE B 132 25.78 26.91 -7.81
N ASP B 133 26.44 27.23 -6.69
CA ASP B 133 27.89 27.54 -6.64
C ASP B 133 28.75 26.31 -6.29
N PHE B 134 28.23 25.11 -6.61
CA PHE B 134 28.86 23.81 -6.38
C PHE B 134 28.20 22.79 -7.33
N GLU B 135 28.77 21.57 -7.41
CA GLU B 135 28.27 20.48 -8.25
C GLU B 135 27.00 19.91 -7.64
N VAL B 136 25.90 20.01 -8.39
CA VAL B 136 24.56 19.56 -8.04
C VAL B 136 24.50 18.04 -7.95
N LYS B 137 23.83 17.53 -6.91
CA LYS B 137 23.62 16.09 -6.72
C LYS B 137 22.18 15.77 -7.06
N ASP B 138 21.91 14.53 -7.50
CA ASP B 138 20.53 14.11 -7.77
C ASP B 138 19.88 13.65 -6.46
N HIS B 139 18.55 13.43 -6.47
CA HIS B 139 17.82 13.04 -5.25
C HIS B 139 18.31 11.69 -4.68
N VAL B 140 18.76 10.77 -5.56
CA VAL B 140 19.27 9.45 -5.15
C VAL B 140 20.53 9.63 -4.28
N ALA B 141 21.54 10.38 -4.79
CA ALA B 141 22.77 10.64 -4.04
C ALA B 141 22.49 11.42 -2.74
N LEU B 142 21.57 12.41 -2.79
CA LEU B 142 21.19 13.18 -1.60
C LEU B 142 20.53 12.33 -0.52
N GLY B 143 19.56 11.51 -0.94
CA GLY B 143 18.77 10.69 -0.04
C GLY B 143 19.45 9.46 0.52
N GLU B 144 20.35 8.86 -0.27
CA GLU B 144 21.05 7.64 0.16
C GLU B 144 22.10 7.86 1.23
N ARG B 145 22.67 9.09 1.33
CA ARG B 145 23.75 9.48 2.24
C ARG B 145 23.64 8.89 3.67
N HIS B 146 22.46 8.95 4.32
CA HIS B 146 22.25 8.42 5.68
C HIS B 146 21.26 7.23 5.75
N GLY B 147 20.85 6.71 4.60
CA GLY B 147 19.89 5.60 4.52
C GLY B 147 18.44 6.04 4.60
N TRP B 148 18.19 7.37 4.56
CA TRP B 148 16.84 7.94 4.66
C TRP B 148 16.00 7.76 3.40
N LEU B 149 16.63 7.51 2.26
CA LEU B 149 15.99 7.14 0.99
C LEU B 149 16.73 5.90 0.59
N ASP B 150 16.03 4.76 0.58
CA ASP B 150 16.65 3.44 0.40
C ASP B 150 15.95 2.56 -0.67
N PHE B 151 16.56 2.50 -1.86
CA PHE B 151 16.04 1.71 -2.98
C PHE B 151 16.42 0.25 -2.86
N GLU B 152 17.59 -0.01 -2.26
CA GLU B 152 18.12 -1.36 -2.06
C GLU B 152 17.21 -2.21 -1.11
N THR B 153 16.85 -1.68 0.08
CA THR B 153 15.94 -2.41 1.01
C THR B 153 14.57 -2.60 0.34
N ALA B 154 14.09 -1.58 -0.39
CA ALA B 154 12.83 -1.63 -1.12
C ALA B 154 12.87 -2.74 -2.19
N ALA B 155 14.05 -2.92 -2.88
CA ALA B 155 14.21 -3.96 -3.91
C ALA B 155 14.22 -5.33 -3.27
N LYS B 156 14.86 -5.45 -2.09
CA LYS B 156 14.89 -6.67 -1.30
C LYS B 156 13.44 -7.11 -0.93
N LEU B 157 12.59 -6.14 -0.56
CA LEU B 157 11.19 -6.38 -0.22
C LEU B 157 10.31 -6.72 -1.41
N SER B 158 10.39 -5.89 -2.47
CA SER B 158 9.40 -5.87 -3.53
C SER B 158 9.90 -5.89 -4.98
N GLY B 159 11.22 -5.90 -5.18
CA GLY B 159 11.85 -5.82 -6.49
C GLY B 159 11.97 -4.38 -6.95
N ALA B 160 12.19 -4.18 -8.26
CA ALA B 160 12.40 -2.86 -8.88
C ALA B 160 11.19 -1.93 -8.85
N ARG B 161 11.44 -0.61 -8.92
CA ARG B 161 10.46 0.49 -8.99
C ARG B 161 9.67 0.69 -7.68
N PHE B 162 10.30 0.41 -6.54
CA PHE B 162 9.73 0.68 -5.21
C PHE B 162 10.74 1.46 -4.39
N ALA B 163 10.27 2.15 -3.37
CA ALA B 163 11.14 2.95 -2.53
C ALA B 163 10.80 2.79 -1.05
N LEU B 164 11.83 2.93 -0.20
CA LEU B 164 11.71 2.99 1.23
C LEU B 164 12.27 4.36 1.67
N MET B 165 11.51 5.08 2.52
CA MET B 165 11.95 6.33 3.11
C MET B 165 11.93 6.18 4.62
N ARG B 166 12.88 6.82 5.30
CA ARG B 166 13.01 6.75 6.75
C ARG B 166 13.30 8.11 7.32
N GLY B 167 13.05 8.24 8.62
CA GLY B 167 13.38 9.42 9.41
C GLY B 167 12.93 10.74 8.83
N PRO B 168 13.84 11.73 8.68
CA PRO B 168 13.43 13.06 8.17
C PRO B 168 12.99 13.08 6.70
N ILE B 169 13.44 12.12 5.86
CA ILE B 169 12.99 12.12 4.46
C ILE B 169 11.55 11.58 4.41
N ALA B 170 11.24 10.54 5.23
CA ALA B 170 9.90 10.00 5.35
C ALA B 170 9.01 11.12 5.90
N ARG B 171 9.48 11.86 6.92
CA ARG B 171 8.72 12.97 7.51
C ARG B 171 8.46 14.09 6.48
N LEU B 172 9.45 14.39 5.63
CA LEU B 172 9.32 15.42 4.58
C LEU B 172 8.27 15.07 3.52
N HIS B 173 8.22 13.78 3.11
CA HIS B 173 7.24 13.25 2.16
C HIS B 173 5.83 13.37 2.77
N ARG B 174 5.68 12.96 4.04
CA ARG B 174 4.40 13.07 4.74
C ARG B 174 3.97 14.55 4.88
N ALA B 175 4.92 15.43 5.23
CA ALA B 175 4.73 16.88 5.35
C ALA B 175 4.17 17.46 4.03
N LEU B 176 4.72 17.01 2.88
CA LEU B 176 4.32 17.44 1.54
C LEU B 176 2.86 17.10 1.25
N ALA B 177 2.45 15.84 1.50
CA ALA B 177 1.08 15.39 1.26
C ALA B 177 0.10 16.10 2.19
N GLN B 178 0.45 16.31 3.47
CA GLN B 178 -0.40 17.01 4.45
C GLN B 178 -0.58 18.48 4.04
N PHE B 179 0.52 19.15 3.66
CA PHE B 179 0.50 20.53 3.18
C PHE B 179 -0.45 20.67 1.99
N MET B 180 -0.35 19.76 1.00
CA MET B 180 -1.18 19.76 -0.20
C MET B 180 -2.66 19.58 0.12
N ILE B 181 -3.01 18.57 0.96
CA ILE B 181 -4.44 18.34 1.26
C ILE B 181 -5.01 19.50 2.12
N ASN B 182 -4.20 20.06 3.02
CA ASN B 182 -4.58 21.18 3.87
C ASN B 182 -4.80 22.43 3.04
N LEU B 183 -3.95 22.65 2.02
CA LEU B 183 -4.08 23.79 1.11
C LEU B 183 -5.37 23.73 0.28
N HIS B 184 -5.64 22.58 -0.37
CA HIS B 184 -6.81 22.44 -1.27
C HIS B 184 -8.12 22.49 -0.54
N THR B 185 -8.17 21.93 0.68
CA THR B 185 -9.37 21.98 1.52
C THR B 185 -9.61 23.36 2.13
N ALA B 186 -8.55 24.08 2.54
CA ALA B 186 -8.76 25.37 3.20
C ALA B 186 -8.91 26.53 2.24
N GLU B 187 -8.17 26.50 1.12
CA GLU B 187 -8.14 27.64 0.21
C GLU B 187 -8.77 27.44 -1.16
N HIS B 188 -8.89 26.20 -1.64
CA HIS B 188 -9.32 25.96 -3.02
C HIS B 188 -10.71 25.34 -3.20
N GLY B 189 -11.48 25.22 -2.12
CA GLY B 189 -12.85 24.73 -2.16
C GLY B 189 -13.06 23.23 -2.33
N TYR B 190 -12.00 22.41 -2.12
CA TYR B 190 -12.14 20.96 -2.27
C TYR B 190 -12.61 20.33 -0.98
N GLU B 191 -13.46 19.31 -1.11
CA GLU B 191 -13.93 18.48 -0.03
C GLU B 191 -13.02 17.24 -0.02
N GLU B 192 -12.46 16.95 1.15
CA GLU B 192 -11.54 15.82 1.32
C GLU B 192 -12.29 14.50 1.25
N ALA B 193 -11.63 13.46 0.73
CA ALA B 193 -12.21 12.13 0.68
C ALA B 193 -11.17 11.02 0.90
N TYR B 194 -11.56 9.98 1.62
CA TYR B 194 -10.74 8.78 1.78
C TYR B 194 -11.47 7.78 0.91
N THR B 195 -10.76 7.12 0.01
CA THR B 195 -11.44 6.18 -0.88
C THR B 195 -10.82 4.79 -0.84
N PRO B 196 -11.52 3.77 -1.37
CA PRO B 196 -10.89 2.47 -1.59
C PRO B 196 -9.74 2.63 -2.60
N TYR B 197 -8.70 1.80 -2.48
CA TYR B 197 -7.53 1.79 -3.39
C TYR B 197 -7.62 0.59 -4.32
N LEU B 198 -8.64 -0.23 -4.10
CA LEU B 198 -8.99 -1.41 -4.90
C LEU B 198 -10.36 -1.16 -5.46
N VAL B 199 -10.51 -1.28 -6.78
CA VAL B 199 -11.80 -1.09 -7.42
C VAL B 199 -12.10 -2.25 -8.37
N GLN B 200 -13.38 -2.48 -8.66
CA GLN B 200 -13.75 -3.47 -9.65
C GLN B 200 -13.70 -2.79 -11.06
N ALA B 201 -13.81 -3.58 -12.13
CA ALA B 201 -13.75 -3.12 -13.53
C ALA B 201 -14.74 -1.95 -13.90
N PRO B 202 -16.02 -1.91 -13.47
CA PRO B 202 -16.90 -0.79 -13.88
C PRO B 202 -16.39 0.62 -13.55
N ALA B 203 -15.74 0.83 -12.38
CA ALA B 203 -15.21 2.16 -12.04
C ALA B 203 -14.12 2.59 -13.05
N LEU B 204 -13.23 1.67 -13.44
CA LEU B 204 -12.17 1.95 -14.40
C LEU B 204 -12.70 2.19 -15.80
N GLN B 205 -13.81 1.51 -16.17
CA GLN B 205 -14.44 1.75 -17.45
C GLN B 205 -15.11 3.14 -17.42
N GLY B 206 -15.65 3.52 -16.26
CA GLY B 206 -16.24 4.84 -16.06
C GLY B 206 -15.30 6.00 -16.38
N THR B 207 -14.02 5.89 -15.98
CA THR B 207 -13.04 6.96 -16.22
C THR B 207 -12.15 6.72 -17.47
N GLY B 208 -12.27 5.56 -18.13
CA GLY B 208 -11.53 5.33 -19.37
C GLY B 208 -10.32 4.43 -19.37
N GLN B 209 -9.80 4.00 -18.20
CA GLN B 209 -8.64 3.08 -18.16
C GLN B 209 -9.02 1.73 -18.72
N LEU B 210 -10.31 1.36 -18.57
CA LEU B 210 -10.87 0.14 -19.15
C LEU B 210 -11.86 0.51 -20.25
N PRO B 211 -11.95 -0.31 -21.32
CA PRO B 211 -11.25 -1.59 -21.54
C PRO B 211 -9.82 -1.53 -22.11
N LYS B 212 -9.45 -0.40 -22.75
CA LYS B 212 -8.21 -0.24 -23.55
C LYS B 212 -6.88 -0.32 -22.81
N PHE B 213 -6.78 0.07 -21.54
CA PHE B 213 -5.48 0.10 -20.87
C PHE B 213 -5.33 -0.89 -19.69
N GLU B 214 -5.94 -2.09 -19.82
CA GLU B 214 -5.86 -3.12 -18.76
C GLU B 214 -4.42 -3.53 -18.42
N GLU B 215 -3.53 -3.61 -19.43
CA GLU B 215 -2.11 -4.00 -19.30
C GLU B 215 -1.30 -3.11 -18.37
N ASP B 216 -1.72 -1.84 -18.18
CA ASP B 216 -1.05 -0.84 -17.35
C ASP B 216 -1.45 -0.92 -15.86
N LEU B 217 -2.42 -1.79 -15.55
CA LEU B 217 -2.95 -1.92 -14.19
C LEU B 217 -2.48 -3.18 -13.48
N PHE B 218 -2.46 -3.14 -12.14
CA PHE B 218 -2.19 -4.33 -11.34
C PHE B 218 -3.57 -4.93 -11.03
N LYS B 219 -3.80 -6.17 -11.45
CA LYS B 219 -5.04 -6.88 -11.23
C LYS B 219 -4.87 -7.97 -10.14
N ILE B 220 -5.87 -8.09 -9.26
CA ILE B 220 -5.94 -9.12 -8.24
C ILE B 220 -7.02 -10.08 -8.74
N GLY B 221 -6.59 -11.22 -9.25
CA GLY B 221 -7.50 -12.26 -9.72
C GLY B 221 -8.20 -12.91 -8.54
N ARG B 222 -9.54 -12.90 -8.54
CA ARG B 222 -10.32 -13.50 -7.45
C ARG B 222 -11.24 -14.61 -7.94
N ASP B 223 -11.13 -15.77 -7.27
CA ASP B 223 -11.91 -16.99 -7.55
C ASP B 223 -13.38 -16.83 -7.12
N GLY B 224 -14.29 -16.89 -8.11
CA GLY B 224 -15.74 -16.79 -7.89
C GLY B 224 -16.24 -15.48 -7.32
N GLU B 225 -15.48 -14.40 -7.58
CA GLU B 225 -15.76 -13.01 -7.18
C GLU B 225 -15.26 -12.14 -8.31
N ALA B 226 -15.76 -10.89 -8.41
CA ALA B 226 -15.30 -9.97 -9.42
C ALA B 226 -13.85 -9.58 -9.08
N ASP B 227 -12.96 -9.55 -10.09
CA ASP B 227 -11.57 -9.17 -9.88
C ASP B 227 -11.47 -7.74 -9.36
N LEU B 228 -10.37 -7.43 -8.67
CA LEU B 228 -10.09 -6.11 -8.14
C LEU B 228 -8.84 -5.59 -8.83
N TYR B 229 -8.74 -4.30 -8.97
CA TYR B 229 -7.59 -3.62 -9.55
C TYR B 229 -7.14 -2.60 -8.59
N LEU B 230 -5.83 -2.40 -8.49
CA LEU B 230 -5.22 -1.35 -7.67
C LEU B 230 -5.43 -0.05 -8.45
N ILE B 231 -5.90 1.02 -7.79
CA ILE B 231 -6.10 2.28 -8.51
C ILE B 231 -4.79 2.87 -9.09
N PRO B 232 -4.79 3.31 -10.37
CA PRO B 232 -3.59 3.97 -10.90
C PRO B 232 -3.51 5.45 -10.49
N THR B 233 -4.63 5.98 -9.96
CA THR B 233 -4.86 7.38 -9.55
C THR B 233 -6.18 7.47 -8.81
N ALA B 234 -6.32 8.41 -7.84
CA ALA B 234 -7.60 8.62 -7.12
C ALA B 234 -8.68 9.20 -8.05
N GLU B 235 -8.31 9.59 -9.28
CA GLU B 235 -9.27 10.05 -10.30
C GLU B 235 -10.36 8.97 -10.48
N VAL B 236 -9.94 7.70 -10.42
CA VAL B 236 -10.84 6.57 -10.63
C VAL B 236 -11.91 6.50 -9.55
N SER B 237 -11.50 6.46 -8.30
CA SER B 237 -12.44 6.35 -7.19
C SER B 237 -13.24 7.66 -7.02
N LEU B 238 -12.58 8.83 -7.09
CA LEU B 238 -13.24 10.13 -6.90
C LEU B 238 -14.29 10.47 -7.97
N THR B 239 -13.95 10.33 -9.27
CA THR B 239 -14.89 10.67 -10.34
C THR B 239 -16.13 9.76 -10.32
N ASN B 240 -15.94 8.48 -10.00
CA ASN B 240 -17.03 7.52 -9.96
C ASN B 240 -18.02 7.72 -8.77
N ILE B 241 -17.75 8.67 -7.88
CA ILE B 241 -18.68 8.95 -6.76
C ILE B 241 -20.08 9.27 -7.29
N VAL B 242 -20.16 10.01 -8.43
CA VAL B 242 -21.41 10.49 -9.04
C VAL B 242 -21.97 9.56 -10.19
N SER B 243 -21.39 8.38 -10.38
CA SER B 243 -21.88 7.48 -11.43
C SER B 243 -23.32 7.03 -11.18
N GLY B 244 -24.09 6.98 -12.27
CA GLY B 244 -25.50 6.57 -12.28
C GLY B 244 -26.42 7.46 -11.48
N GLN B 245 -26.04 8.74 -11.31
CA GLN B 245 -26.80 9.69 -10.50
C GLN B 245 -27.27 10.90 -11.28
N ILE B 246 -28.35 11.53 -10.79
CA ILE B 246 -28.87 12.80 -11.33
C ILE B 246 -28.71 13.82 -10.22
N LEU B 247 -27.69 14.67 -10.35
CA LEU B 247 -27.44 15.68 -9.32
C LEU B 247 -28.35 16.90 -9.46
N ASP B 248 -28.54 17.64 -8.34
CA ASP B 248 -29.25 18.92 -8.41
C ASP B 248 -28.22 19.91 -8.96
N ALA B 249 -28.66 20.89 -9.76
CA ALA B 249 -27.75 21.90 -10.32
C ALA B 249 -27.04 22.70 -9.21
N LYS B 250 -27.67 22.85 -8.03
CA LYS B 250 -27.15 23.54 -6.84
C LYS B 250 -25.97 22.84 -6.19
N GLN B 251 -25.84 21.51 -6.43
CA GLN B 251 -24.75 20.66 -5.92
C GLN B 251 -23.45 20.92 -6.69
N LEU B 252 -23.55 21.55 -7.87
CA LEU B 252 -22.42 21.83 -8.75
C LEU B 252 -21.78 23.19 -8.50
N PRO B 253 -20.43 23.32 -8.57
CA PRO B 253 -19.43 22.25 -8.80
C PRO B 253 -19.14 21.39 -7.58
N LEU B 254 -18.95 20.08 -7.78
CA LEU B 254 -18.55 19.15 -6.72
C LEU B 254 -17.04 19.04 -6.86
N LYS B 255 -16.30 19.41 -5.82
CA LYS B 255 -14.83 19.41 -5.81
C LYS B 255 -14.31 18.43 -4.75
N PHE B 256 -13.53 17.43 -5.20
CA PHE B 256 -12.95 16.42 -4.31
C PHE B 256 -11.45 16.44 -4.34
N VAL B 257 -10.85 16.14 -3.20
CA VAL B 257 -9.41 16.00 -3.05
C VAL B 257 -9.12 14.75 -2.20
N ALA B 258 -8.18 13.92 -2.64
CA ALA B 258 -7.78 12.74 -1.89
C ALA B 258 -6.27 12.58 -1.99
N HIS B 259 -5.66 12.03 -0.93
CA HIS B 259 -4.24 11.68 -0.88
C HIS B 259 -4.22 10.16 -0.89
N THR B 260 -3.76 9.55 -1.98
CA THR B 260 -3.76 8.09 -2.02
C THR B 260 -2.46 7.54 -2.63
N PRO B 261 -2.08 6.26 -2.33
CA PRO B 261 -1.05 5.63 -3.16
C PRO B 261 -1.70 5.38 -4.54
N CYS B 262 -0.86 5.25 -5.57
CA CYS B 262 -1.20 5.05 -6.96
C CYS B 262 -0.34 3.94 -7.45
N PHE B 263 -0.95 3.00 -8.15
CA PHE B 263 -0.25 1.79 -8.59
C PHE B 263 -0.36 1.60 -10.07
N ARG B 264 0.81 1.47 -10.72
CA ARG B 264 0.88 1.34 -12.17
C ARG B 264 1.93 0.34 -12.58
N SER B 265 1.62 -0.43 -13.62
CA SER B 265 2.53 -1.41 -14.21
C SER B 265 2.63 -1.05 -15.70
N GLU B 266 3.30 0.07 -16.01
CA GLU B 266 3.39 0.53 -17.41
C GLU B 266 4.74 0.18 -18.07
N ALA B 267 4.66 -0.53 -19.22
CA ALA B 267 5.83 -0.96 -20.00
C ALA B 267 6.26 0.10 -21.05
N GLY B 268 5.34 1.00 -21.39
CA GLY B 268 5.53 2.06 -22.38
C GLY B 268 6.49 3.17 -21.97
N ALA B 269 6.67 3.39 -20.65
CA ALA B 269 7.56 4.42 -20.11
C ALA B 269 8.56 3.82 -19.12
N ASP B 273 13.46 6.41 -16.94
CA ASP B 273 13.86 6.85 -15.60
C ASP B 273 14.19 5.67 -14.69
N THR B 274 15.09 4.75 -15.13
CA THR B 274 15.48 3.54 -14.38
C THR B 274 16.06 3.82 -12.97
N ARG B 275 16.73 4.98 -12.78
CA ARG B 275 17.31 5.39 -11.50
C ARG B 275 16.39 6.38 -10.78
N GLY B 276 16.08 6.07 -9.51
CA GLY B 276 15.29 6.93 -8.65
C GLY B 276 13.82 6.64 -8.50
N MET B 277 13.13 7.60 -7.89
CA MET B 277 11.70 7.50 -7.57
C MET B 277 10.81 8.37 -8.51
N ILE B 278 11.36 8.82 -9.67
CA ILE B 278 10.57 9.58 -10.64
C ILE B 278 9.47 8.66 -11.21
N ARG B 279 9.83 7.41 -11.54
CA ARG B 279 8.92 6.38 -12.03
C ARG B 279 8.89 5.21 -11.04
N GLN B 280 7.71 4.91 -10.51
CA GLN B 280 7.53 3.86 -9.50
C GLN B 280 6.26 3.07 -9.73
N HIS B 281 6.24 1.80 -9.29
CA HIS B 281 5.05 0.95 -9.34
C HIS B 281 4.05 1.45 -8.31
N GLN B 282 4.53 2.19 -7.31
CA GLN B 282 3.70 2.79 -6.24
C GLN B 282 4.22 4.18 -5.95
N PHE B 283 3.33 5.18 -5.94
CA PHE B 283 3.69 6.54 -5.57
C PHE B 283 2.49 7.22 -4.97
N ASP B 284 2.70 8.17 -4.04
CA ASP B 284 1.57 8.91 -3.48
C ASP B 284 1.22 10.08 -4.38
N LYS B 285 -0.06 10.44 -4.46
CA LYS B 285 -0.46 11.60 -5.24
C LYS B 285 -1.67 12.23 -4.58
N VAL B 286 -1.69 13.57 -4.50
CA VAL B 286 -2.83 14.32 -4.00
C VAL B 286 -3.61 14.72 -5.24
N GLU B 287 -4.78 14.07 -5.45
CA GLU B 287 -5.62 14.23 -6.63
C GLU B 287 -6.78 15.21 -6.41
N MET B 288 -6.99 16.11 -7.39
CA MET B 288 -8.12 17.05 -7.39
C MET B 288 -9.06 16.63 -8.52
N VAL B 289 -10.35 16.50 -8.22
CA VAL B 289 -11.39 16.09 -9.18
C VAL B 289 -12.52 17.08 -9.09
N GLN B 290 -13.11 17.45 -10.26
CA GLN B 290 -14.27 18.33 -10.28
C GLN B 290 -15.38 17.72 -11.15
N ILE B 291 -16.63 17.80 -10.66
CA ILE B 291 -17.86 17.40 -11.37
C ILE B 291 -18.54 18.76 -11.59
N VAL B 292 -18.64 19.21 -12.84
CA VAL B 292 -19.13 20.58 -13.08
C VAL B 292 -20.27 20.69 -14.09
N ASP B 293 -20.88 21.86 -14.11
CA ASP B 293 -21.86 22.30 -15.09
C ASP B 293 -21.06 22.39 -16.43
N PRO B 294 -21.50 21.72 -17.53
CA PRO B 294 -20.74 21.75 -18.80
C PRO B 294 -20.37 23.13 -19.36
N ALA B 295 -21.17 24.18 -19.08
CA ALA B 295 -20.88 25.52 -19.60
C ALA B 295 -19.65 26.17 -18.95
N THR B 296 -19.19 25.65 -17.82
CA THR B 296 -18.08 26.21 -17.04
C THR B 296 -16.76 25.41 -17.08
N SER B 297 -16.74 24.24 -17.72
CA SER B 297 -15.63 23.28 -17.65
C SER B 297 -14.30 23.81 -18.15
N TYR B 298 -14.28 24.68 -19.20
CA TYR B 298 -13.00 25.22 -19.68
C TYR B 298 -12.45 26.29 -18.73
N GLU B 299 -13.34 27.06 -18.06
CA GLU B 299 -12.93 28.03 -17.05
C GLU B 299 -12.46 27.24 -15.80
N ALA B 300 -13.14 26.12 -15.49
CA ALA B 300 -12.81 25.24 -14.38
C ALA B 300 -11.41 24.63 -14.57
N LEU B 301 -11.00 24.37 -15.84
CA LEU B 301 -9.67 23.83 -16.12
C LEU B 301 -8.58 24.82 -15.74
N GLU B 302 -8.75 26.08 -16.07
CA GLU B 302 -7.83 27.15 -15.73
C GLU B 302 -7.67 27.28 -14.19
N GLY B 303 -8.78 27.21 -13.46
CA GLY B 303 -8.79 27.27 -11.99
C GLY B 303 -8.13 26.06 -11.34
N LEU B 304 -8.35 24.86 -11.92
CA LEU B 304 -7.78 23.59 -11.47
C LEU B 304 -6.26 23.61 -11.65
N THR B 305 -5.78 24.08 -12.84
CA THR B 305 -4.34 24.20 -13.15
C THR B 305 -3.70 25.21 -12.16
N ALA B 306 -4.39 26.35 -11.89
CA ALA B 306 -3.95 27.35 -10.90
C ALA B 306 -3.81 26.73 -9.48
N ASN B 307 -4.73 25.80 -9.11
CA ASN B 307 -4.68 25.08 -7.81
C ASN B 307 -3.43 24.23 -7.70
N ALA B 308 -3.03 23.56 -8.80
CA ALA B 308 -1.84 22.72 -8.81
C ALA B 308 -0.58 23.62 -8.74
N GLU B 309 -0.57 24.72 -9.52
CA GLU B 309 0.52 25.69 -9.57
C GLU B 309 0.79 26.29 -8.19
N ARG B 310 -0.27 26.64 -7.44
CA ARG B 310 -0.15 27.23 -6.10
C ARG B 310 0.70 26.39 -5.15
N VAL B 311 0.65 25.05 -5.29
CA VAL B 311 1.46 24.15 -4.45
C VAL B 311 2.96 24.42 -4.72
N LEU B 312 3.34 24.49 -6.01
CA LEU B 312 4.72 24.72 -6.43
C LEU B 312 5.20 26.12 -6.05
N GLN B 313 4.32 27.12 -6.18
CA GLN B 313 4.60 28.51 -5.85
C GLN B 313 4.91 28.64 -4.35
N LEU B 314 4.09 28.03 -3.49
CA LEU B 314 4.27 28.09 -2.04
C LEU B 314 5.52 27.36 -1.56
N LEU B 315 5.90 26.29 -2.28
CA LEU B 315 7.12 25.53 -2.03
C LEU B 315 8.33 26.23 -2.72
N GLU B 316 8.10 27.35 -3.43
CA GLU B 316 9.12 28.12 -4.16
C GLU B 316 9.90 27.21 -5.13
N LEU B 317 9.16 26.36 -5.86
CA LEU B 317 9.77 25.45 -6.83
C LEU B 317 9.54 25.97 -8.24
N PRO B 318 10.57 26.45 -8.97
CA PRO B 318 10.35 26.94 -10.34
C PRO B 318 9.75 25.84 -11.23
N TYR B 319 8.84 26.24 -12.12
CA TYR B 319 8.15 25.29 -12.99
C TYR B 319 7.78 25.95 -14.32
N ARG B 320 7.21 25.16 -15.23
CA ARG B 320 6.66 25.64 -16.49
C ARG B 320 5.34 24.93 -16.72
N VAL B 321 4.47 25.54 -17.53
CA VAL B 321 3.17 25.01 -17.89
C VAL B 321 3.17 24.73 -19.39
N LEU B 322 2.78 23.50 -19.74
CA LEU B 322 2.70 23.08 -21.13
C LEU B 322 1.27 22.80 -21.51
N ALA B 323 0.83 23.31 -22.68
CA ALA B 323 -0.46 22.95 -23.26
C ALA B 323 -0.12 21.75 -24.16
N LEU B 324 -0.60 20.53 -23.80
CA LEU B 324 -0.32 19.33 -24.59
C LEU B 324 -0.97 19.44 -25.95
N CYS B 325 -0.27 18.99 -27.00
CA CYS B 325 -0.81 19.01 -28.36
C CYS B 325 -1.72 17.79 -28.54
N THR B 326 -2.51 17.77 -29.63
CA THR B 326 -3.47 16.68 -29.93
C THR B 326 -2.86 15.26 -29.88
N GLY B 327 -1.62 15.11 -30.38
CA GLY B 327 -0.91 13.84 -30.43
C GLY B 327 -0.24 13.38 -29.14
N ASP B 328 -0.22 14.24 -28.10
CA ASP B 328 0.38 13.84 -26.82
C ASP B 328 -0.67 13.76 -25.69
N MET B 329 -1.95 13.97 -26.00
CA MET B 329 -3.07 13.95 -25.05
C MET B 329 -3.35 12.55 -24.54
N GLY B 330 -3.79 12.47 -23.29
CA GLY B 330 -4.27 11.24 -22.66
C GLY B 330 -5.63 10.91 -23.27
N PHE B 331 -5.94 9.62 -23.35
CA PHE B 331 -7.15 9.03 -23.93
C PHE B 331 -8.49 9.74 -23.60
N GLY B 332 -8.72 10.04 -22.33
CA GLY B 332 -9.97 10.62 -21.86
C GLY B 332 -10.07 12.13 -21.81
N SER B 333 -9.04 12.84 -22.28
CA SER B 333 -9.01 14.29 -22.21
C SER B 333 -9.42 15.03 -23.46
N THR B 334 -10.03 16.22 -23.26
CA THR B 334 -10.35 17.16 -24.36
C THR B 334 -9.25 18.23 -24.42
N LYS B 335 -8.58 18.49 -23.28
CA LYS B 335 -7.56 19.55 -23.14
C LYS B 335 -6.76 19.29 -21.85
N THR B 336 -5.44 19.39 -21.95
CA THR B 336 -4.53 19.14 -20.84
C THR B 336 -3.42 20.15 -20.73
N TYR B 337 -3.15 20.56 -19.48
CA TYR B 337 -2.00 21.34 -19.11
C TYR B 337 -1.15 20.47 -18.19
N ASP B 338 0.13 20.35 -18.54
CA ASP B 338 1.10 19.65 -17.69
C ASP B 338 1.94 20.67 -16.95
N LEU B 339 2.23 20.38 -15.69
CA LEU B 339 3.14 21.20 -14.92
C LEU B 339 4.44 20.40 -14.87
N GLU B 340 5.54 21.08 -15.16
CA GLU B 340 6.86 20.48 -15.15
C GLU B 340 7.72 21.27 -14.21
N VAL B 341 8.24 20.62 -13.19
CA VAL B 341 9.06 21.26 -12.17
C VAL B 341 10.54 21.23 -12.57
N TRP B 342 11.29 22.24 -12.11
CA TRP B 342 12.72 22.30 -12.36
C TRP B 342 13.44 21.20 -11.59
N VAL B 343 14.32 20.45 -12.28
CA VAL B 343 15.09 19.35 -11.66
C VAL B 343 16.58 19.66 -11.92
N PRO B 344 17.24 20.31 -10.94
CA PRO B 344 18.64 20.74 -11.12
C PRO B 344 19.64 19.70 -11.66
N SER B 345 19.62 18.44 -11.20
CA SER B 345 20.57 17.44 -11.70
C SER B 345 20.33 17.06 -13.15
N GLN B 346 19.11 17.34 -13.66
CA GLN B 346 18.74 17.02 -15.03
C GLN B 346 18.86 18.24 -15.93
N ASP B 347 19.00 19.43 -15.32
CA ASP B 347 19.08 20.72 -16.01
C ASP B 347 17.91 20.91 -17.01
N LYS B 348 16.72 20.49 -16.55
CA LYS B 348 15.48 20.57 -17.31
C LYS B 348 14.30 20.49 -16.38
N TYR B 349 13.11 20.83 -16.91
CA TYR B 349 11.84 20.70 -16.21
C TYR B 349 11.33 19.28 -16.47
N ARG B 350 10.76 18.65 -15.43
CA ARG B 350 10.18 17.31 -15.48
C ARG B 350 8.75 17.32 -14.95
N GLU B 351 7.85 16.61 -15.67
CA GLU B 351 6.43 16.47 -15.35
C GLU B 351 6.19 16.11 -13.85
N ILE B 352 5.28 16.83 -13.19
CA ILE B 352 4.90 16.66 -11.78
C ILE B 352 3.35 16.67 -11.64
N SER B 353 2.65 17.09 -12.70
CA SER B 353 1.21 17.20 -12.66
C SER B 353 0.64 17.23 -14.06
N SER B 354 -0.57 16.69 -14.19
CA SER B 354 -1.34 16.69 -15.40
C SER B 354 -2.76 17.13 -15.01
N CYS B 355 -3.24 18.26 -15.55
CA CYS B 355 -4.58 18.80 -15.29
C CYS B 355 -5.41 18.73 -16.56
N SER B 356 -6.58 18.07 -16.49
CA SER B 356 -7.38 17.86 -17.69
C SER B 356 -8.86 18.14 -17.56
N ASN B 357 -9.46 18.54 -18.67
CA ASN B 357 -10.90 18.65 -18.79
C ASN B 357 -11.28 17.41 -19.64
N CYS B 358 -12.20 16.58 -19.14
CA CYS B 358 -12.64 15.38 -19.88
C CYS B 358 -13.96 15.63 -20.61
N GLY B 359 -14.54 16.82 -20.44
CA GLY B 359 -15.84 17.14 -21.03
C GLY B 359 -16.88 16.14 -20.52
N ASP B 360 -17.74 15.63 -21.42
CA ASP B 360 -18.81 14.67 -21.09
C ASP B 360 -18.43 13.19 -21.30
N PHE B 361 -17.15 12.92 -21.64
CA PHE B 361 -16.60 11.61 -21.99
C PHE B 361 -16.76 10.58 -20.88
N GLN B 362 -16.24 10.89 -19.67
CA GLN B 362 -16.37 10.00 -18.52
C GLN B 362 -17.82 10.02 -18.02
N ALA B 363 -18.46 11.21 -17.97
CA ALA B 363 -19.88 11.34 -17.59
C ALA B 363 -20.75 10.39 -18.41
N ARG B 364 -20.53 10.31 -19.76
CA ARG B 364 -21.25 9.38 -20.63
C ARG B 364 -21.04 7.91 -20.19
N ARG B 365 -19.80 7.52 -19.91
CA ARG B 365 -19.48 6.15 -19.48
C ARG B 365 -20.12 5.80 -18.13
N MET B 366 -20.16 6.78 -17.22
CA MET B 366 -20.68 6.62 -15.85
C MET B 366 -22.18 6.88 -15.73
N GLN B 367 -22.80 7.49 -16.77
CA GLN B 367 -24.19 7.94 -16.72
C GLN B 367 -24.35 8.93 -15.54
N ALA B 368 -23.39 9.87 -15.41
CA ALA B 368 -23.40 10.88 -14.35
C ALA B 368 -24.07 12.13 -14.94
N ARG B 369 -25.27 12.45 -14.44
CA ARG B 369 -26.07 13.57 -14.92
C ARG B 369 -26.40 14.61 -13.84
N TYR B 370 -26.96 15.74 -14.28
CA TYR B 370 -27.46 16.80 -13.40
C TYR B 370 -28.73 17.30 -14.03
N ARG B 371 -29.65 17.81 -13.22
CA ARG B 371 -30.89 18.33 -13.77
C ARG B 371 -30.67 19.78 -14.21
N ASN B 372 -30.54 20.02 -15.55
CA ASN B 372 -30.33 21.36 -16.12
C ASN B 372 -31.49 22.27 -15.65
N PRO B 373 -31.19 23.39 -14.94
CA PRO B 373 -32.27 24.25 -14.40
C PRO B 373 -33.14 24.94 -15.43
N GLU B 374 -32.61 25.10 -16.66
CA GLU B 374 -33.30 25.76 -17.77
C GLU B 374 -34.30 24.84 -18.50
N THR B 375 -33.89 23.59 -18.80
CA THR B 375 -34.69 22.60 -19.55
C THR B 375 -35.47 21.61 -18.67
N GLY B 376 -35.00 21.36 -17.46
CA GLY B 376 -35.62 20.39 -16.56
C GLY B 376 -35.15 18.97 -16.86
N LYS B 377 -34.41 18.81 -17.98
CA LYS B 377 -33.87 17.54 -18.45
C LYS B 377 -32.56 17.15 -17.77
N PRO B 378 -32.38 15.84 -17.44
CA PRO B 378 -31.09 15.39 -16.90
C PRO B 378 -30.08 15.35 -18.06
N GLU B 379 -29.01 16.09 -17.91
CA GLU B 379 -27.96 16.22 -18.92
C GLU B 379 -26.64 15.74 -18.33
N LEU B 380 -25.70 15.30 -19.18
CA LEU B 380 -24.39 14.86 -18.70
C LEU B 380 -23.60 16.02 -18.05
N VAL B 381 -22.92 15.74 -16.93
CA VAL B 381 -22.04 16.71 -16.28
C VAL B 381 -20.71 16.71 -17.05
N HIS B 382 -19.79 17.61 -16.71
CA HIS B 382 -18.42 17.55 -17.23
C HIS B 382 -17.53 17.18 -16.07
N THR B 383 -16.44 16.46 -16.35
CA THR B 383 -15.50 16.05 -15.30
C THR B 383 -14.09 16.57 -15.60
N LEU B 384 -13.34 16.87 -14.53
CA LEU B 384 -11.95 17.33 -14.60
C LEU B 384 -11.14 16.65 -13.51
N ASN B 385 -9.84 16.54 -13.73
CA ASN B 385 -8.93 15.94 -12.77
C ASN B 385 -7.56 16.55 -12.93
N GLY B 386 -6.84 16.67 -11.83
CA GLY B 386 -5.49 17.25 -11.84
C GLY B 386 -4.68 16.83 -10.65
N SER B 387 -3.37 16.59 -10.84
CA SER B 387 -2.46 16.24 -9.72
C SER B 387 -2.15 17.55 -8.98
N GLY B 388 -2.28 17.54 -7.66
CA GLY B 388 -1.99 18.74 -6.86
C GLY B 388 -1.21 18.44 -5.60
N LEU B 389 -0.10 17.67 -5.64
CA LEU B 389 0.64 17.11 -6.80
C LEU B 389 0.99 15.64 -6.59
N ALA B 390 1.77 15.04 -7.53
CA ALA B 390 2.37 13.72 -7.37
C ALA B 390 3.43 13.97 -6.26
N VAL B 391 3.24 13.35 -5.08
CA VAL B 391 4.04 13.59 -3.86
C VAL B 391 5.53 13.16 -4.00
N GLY B 392 5.78 11.94 -4.52
CA GLY B 392 7.15 11.46 -4.70
C GLY B 392 8.00 12.38 -5.57
N ARG B 393 7.42 12.87 -6.68
CA ARG B 393 8.11 13.80 -7.60
C ARG B 393 8.29 15.16 -6.95
N THR B 394 7.38 15.57 -6.05
CA THR B 394 7.56 16.85 -5.33
C THR B 394 8.75 16.69 -4.39
N LEU B 395 8.88 15.52 -3.72
CA LEU B 395 10.02 15.22 -2.84
C LEU B 395 11.34 15.29 -3.61
N VAL B 396 11.37 14.73 -4.83
CA VAL B 396 12.54 14.81 -5.71
C VAL B 396 12.87 16.31 -5.95
N ALA B 397 11.85 17.12 -6.31
CA ALA B 397 12.02 18.54 -6.60
C ALA B 397 12.51 19.28 -5.37
N VAL B 398 11.98 18.92 -4.18
CA VAL B 398 12.39 19.55 -2.92
C VAL B 398 13.85 19.19 -2.57
N LEU B 399 14.21 17.90 -2.55
CA LEU B 399 15.59 17.50 -2.20
C LEU B 399 16.65 18.18 -3.08
N GLU B 400 16.41 18.24 -4.40
CA GLU B 400 17.36 18.82 -5.36
C GLU B 400 17.41 20.33 -5.38
N ASN B 401 16.24 21.00 -5.32
CA ASN B 401 16.23 22.47 -5.37
C ASN B 401 16.67 23.10 -4.06
N TYR B 402 16.51 22.37 -2.93
CA TYR B 402 16.84 22.86 -1.60
C TYR B 402 18.16 22.32 -1.04
N GLN B 403 18.92 21.57 -1.87
CA GLN B 403 20.20 21.02 -1.45
C GLN B 403 21.21 22.13 -1.20
N GLN B 404 22.11 21.91 -0.23
CA GLN B 404 23.19 22.82 0.14
C GLN B 404 24.51 22.16 -0.25
N ALA B 405 25.63 22.94 -0.21
CA ALA B 405 26.97 22.49 -0.60
C ALA B 405 27.43 21.21 0.09
N ASP B 406 27.17 21.08 1.41
CA ASP B 406 27.57 19.89 2.20
C ASP B 406 26.69 18.64 2.01
N GLY B 407 25.65 18.73 1.18
CA GLY B 407 24.75 17.61 0.92
C GLY B 407 23.49 17.63 1.77
N SER B 408 23.37 18.59 2.69
CA SER B 408 22.19 18.75 3.54
C SER B 408 21.07 19.39 2.74
N ILE B 409 19.84 19.32 3.25
CA ILE B 409 18.67 19.85 2.54
C ILE B 409 17.93 20.83 3.41
N ARG B 410 17.74 22.06 2.89
CA ARG B 410 16.98 23.08 3.59
C ARG B 410 15.50 22.73 3.52
N VAL B 411 14.79 22.87 4.64
CA VAL B 411 13.38 22.56 4.71
C VAL B 411 12.58 23.76 4.14
N PRO B 412 11.70 23.56 3.12
CA PRO B 412 10.90 24.68 2.60
C PRO B 412 10.12 25.34 3.74
N GLU B 413 9.95 26.66 3.67
CA GLU B 413 9.28 27.43 4.71
C GLU B 413 7.92 26.88 5.12
N VAL B 414 7.05 26.58 4.14
CA VAL B 414 5.68 26.11 4.39
C VAL B 414 5.63 24.72 5.01
N LEU B 415 6.76 23.97 4.97
CA LEU B 415 6.84 22.61 5.51
C LEU B 415 7.38 22.55 6.92
N LYS B 416 8.05 23.60 7.38
CA LYS B 416 8.63 23.73 8.73
C LYS B 416 7.60 23.42 9.86
N PRO B 417 6.30 23.86 9.77
CA PRO B 417 5.33 23.47 10.82
C PRO B 417 5.05 21.97 10.96
N TYR B 418 5.31 21.18 9.90
CA TYR B 418 5.10 19.73 9.86
C TYR B 418 6.37 18.97 10.18
N MET B 419 7.51 19.67 10.29
CA MET B 419 8.79 18.97 10.44
C MET B 419 9.33 18.86 11.86
N ALA B 420 8.49 19.12 12.88
CA ALA B 420 8.82 19.00 14.30
C ALA B 420 10.18 19.63 14.68
N GLY B 421 10.35 20.90 14.29
CA GLY B 421 11.57 21.65 14.60
C GLY B 421 12.72 21.49 13.62
N ILE B 422 12.70 20.44 12.75
CA ILE B 422 13.76 20.22 11.76
C ILE B 422 13.68 21.33 10.70
N GLU B 423 14.80 22.02 10.46
CA GLU B 423 14.88 23.09 9.46
C GLU B 423 15.92 22.75 8.39
N VAL B 424 16.86 21.85 8.72
CA VAL B 424 17.90 21.37 7.82
C VAL B 424 17.98 19.85 7.99
N ILE B 425 17.84 19.10 6.88
CA ILE B 425 17.94 17.64 6.86
C ILE B 425 19.38 17.25 6.56
N GLY B 426 20.01 16.53 7.49
CA GLY B 426 21.41 16.09 7.39
C GLY B 426 22.41 17.24 7.57
C1 EDO C . -15.33 10.37 25.36
O1 EDO C . -14.12 10.69 26.02
C2 EDO C . -16.36 9.93 26.41
O2 EDO C . -15.88 8.75 27.04
C1 EDO D . -9.62 3.26 6.69
O1 EDO D . -9.03 2.97 7.95
C2 EDO D . -11.17 3.29 6.84
O2 EDO D . -11.66 1.97 7.01
C1 EDO E . -0.97 -10.03 11.28
O1 EDO E . 0.16 -10.85 11.51
C2 EDO E . -1.75 -10.52 10.06
O2 EDO E . -0.89 -10.60 8.94
O2' FZK F . -7.98 -4.02 15.77
C2' FZK F . -7.56 -4.94 14.77
C1' FZK F . -7.24 -4.19 13.46
O4' FZK F . -5.87 -4.40 13.16
C4' FZK F . -5.20 -4.72 14.39
C5' FZK F . -3.89 -5.39 14.11
O5' FZK F . -4.17 -6.62 13.36
C3' FZK F . -6.21 -5.57 15.15
O3' FZK F . -5.98 -5.52 16.55
N1 FZK F . -8.04 -4.65 12.31
C6 FZK F . -7.97 -5.97 11.88
C5 FZK F . -8.71 -6.42 10.85
C4 FZK F . -9.61 -5.54 10.18
O4 FZK F . -10.40 -5.85 9.28
N3 FZK F . -9.60 -4.23 10.65
C2 FZK F . -8.85 -3.72 11.67
O2 FZK F . -8.86 -2.53 11.96
C FZK F . -1.11 -7.12 13.34
CA FZK F . 0.23 -6.74 13.97
CB FZK F . 0.02 -5.64 15.02
N FZK F . 1.09 -6.32 12.85
N3S FZK F . -2.04 -7.83 14.17
O FZK F . -1.43 -6.81 12.18
O1S FZK F . -4.22 -8.29 15.16
O2S FZK F . -3.74 -8.91 12.81
OG FZK F . -0.56 -4.50 14.40
S FZK F . -3.61 -8.01 13.91
NA NA G . -5.56 -9.55 16.79
C1 EDO H . 15.59 27.05 -4.89
O1 EDO H . 14.91 27.27 -6.12
C2 EDO H . 14.55 26.65 -3.83
O2 EDO H . 13.49 27.60 -3.89
C1 EDO I . 7.06 30.14 -24.15
O1 EDO I . 7.61 31.10 -25.02
C2 EDO I . 6.22 30.80 -23.00
O2 EDO I . 6.97 30.91 -21.79
C1 EDO J . 7.41 7.47 -2.93
O1 EDO J . 7.59 7.24 -4.33
C2 EDO J . 5.92 7.66 -2.61
O2 EDO J . 5.38 8.84 -3.23
O2' FZK K . 3.88 13.71 -12.56
C2' FZK K . 3.32 12.48 -13.01
C1' FZK K . 3.01 11.56 -11.80
O4' FZK K . 1.59 11.44 -11.71
C4' FZK K . 1.01 12.54 -12.42
C5' FZK K . -0.43 12.24 -12.76
O5' FZK K . -0.47 11.05 -13.62
C3' FZK K . 1.93 12.73 -13.61
O3' FZK K . 1.82 14.04 -14.17
N1 FZK K . 3.61 10.20 -11.88
C6 FZK K . 3.35 9.37 -12.97
C5 FZK K . 3.91 8.15 -13.09
C4 FZK K . 4.81 7.68 -12.07
O4 FZK K . 5.42 6.60 -12.09
N3 FZK K . 5.01 8.55 -11.01
C2 FZK K . 4.45 9.80 -10.86
O2 FZK K . 4.68 10.49 -9.87
C FZK K . -3.53 11.35 -13.75
CA FZK K . -4.73 12.24 -13.47
CB FZK K . -4.26 13.57 -12.89
N FZK K . -5.58 11.47 -12.56
N3S FZK K . -2.65 11.78 -14.80
O FZK K . -3.27 10.34 -13.11
O1S FZK K . -0.47 12.08 -15.84
O2S FZK K . -1.37 9.81 -15.44
OG FZK K . -3.46 13.35 -11.74
S FZK K . -1.20 11.16 -15.04
NA NA L . 0.84 12.48 -17.72
#